data_8Q1K
#
_entry.id   8Q1K
#
_cell.length_a   60.251
_cell.length_b   115.304
_cell.length_c   101.082
_cell.angle_alpha   90.00
_cell.angle_beta   106.64
_cell.angle_gamma   90.00
#
_symmetry.space_group_name_H-M   'P 1 21 1'
#
loop_
_entity.id
_entity.type
_entity.pdbx_description
1 polymer "5'-3' exonuclease PLD3"
2 branched alpha-D-mannopyranose-(1-3)-[alpha-D-mannopyranose-(1-6)]alpha-D-mannopyranose-(1-6)-[alpha-D-mannopyranose-(1-3)]alpha-D-mannopyranose-(1-4)-2-acetamido-2-deoxy-beta-D-glucopyranose-(1-4)-2-acetamido-2-deoxy-beta-D-glucopyranose
3 branched 2-acetamido-2-deoxy-beta-D-glucopyranose-(1-4)-2-acetamido-2-deoxy-beta-D-glucopyranose
4 branched alpha-D-mannopyranose-(1-3)-[alpha-D-mannopyranose-(1-6)]alpha-D-mannopyranose-(1-6)-[alpha-D-mannopyranose-(1-3)]beta-D-mannopyranose-(1-4)-2-acetamido-2-deoxy-beta-D-glucopyranose-(1-4)-2-acetamido-2-deoxy-beta-D-glucopyranose
5 non-polymer 1,2-ETHANEDIOL
6 non-polymer 'PHOSPHATE ION'
7 non-polymer 'MANGANESE (II) ION'
8 water water
#
_entity_poly.entity_id   1
_entity_poly.type   'polypeptide(L)'
_entity_poly.pdbx_seq_one_letter_code
;QRPAPCYDPCEAVLVESIPEGLDFPNASTGNPSTSQAWLGLLAGAHSSLDIASFYWTLTNNDTHTQEPSAQQGEEVLRQL
QTLAPKGVNVRIAVSKPSGPQPQADLQALLQSGAQVRMVDMQKLTHGVLHTKFWVVDQTHFYLGSANMDWRSLTQVKELG
VVMYNCSCLARDLTKIFEAYWFLGQAGSSIPSTWPRFYDTRYNQETPMEICLNGTPALAYLASAPPPL(OCS)PSGRTPD
LKALLNVVDNARSFIYVAVMNYLPTLEFSHPHRFWPAIDDGLRRATYERGVKVRLLISCWGHSEPSMRAFLLSLAALRDN
HTHSDIQVKLFVVPADEAQARIPYARVNHNKYMVTERATYIGTSNWSGNYFTETAGTSLLVTQNGRGGLRSQLEAIFLRD
WDSPYSHDLDTSADSVGNACRLLAAQ
;
_entity_poly.pdbx_strand_id   A,B
#
# COMPACT_ATOMS: atom_id res chain seq x y z
N GLN A 1 31.99 -17.10 -9.36
CA GLN A 1 30.66 -16.82 -8.72
C GLN A 1 29.56 -16.84 -9.80
N ARG A 2 29.85 -16.33 -11.00
CA ARG A 2 28.89 -16.32 -12.14
C ARG A 2 28.80 -17.73 -12.71
N PRO A 3 27.59 -18.24 -13.02
CA PRO A 3 27.41 -19.56 -13.59
C PRO A 3 27.85 -19.61 -15.07
N ALA A 4 27.91 -20.83 -15.63
CA ALA A 4 28.37 -21.07 -17.02
C ALA A 4 27.43 -20.37 -17.99
N PRO A 5 27.97 -19.70 -19.03
CA PRO A 5 27.12 -19.14 -20.08
C PRO A 5 26.53 -20.26 -20.95
N CYS A 6 25.53 -19.89 -21.73
CA CYS A 6 24.85 -20.75 -22.73
C CYS A 6 25.44 -20.43 -24.11
N TYR A 7 25.77 -21.48 -24.88
CA TYR A 7 26.41 -21.36 -26.21
C TYR A 7 25.37 -21.55 -27.32
N ASP A 8 24.10 -21.74 -26.95
CA ASP A 8 23.01 -22.04 -27.93
C ASP A 8 22.62 -20.76 -28.67
N PRO A 9 22.25 -20.86 -29.96
CA PRO A 9 21.79 -19.70 -30.73
C PRO A 9 20.30 -19.42 -30.48
N CYS A 10 19.99 -18.99 -29.25
CA CYS A 10 18.59 -18.75 -28.79
C CYS A 10 17.91 -17.74 -29.71
N GLU A 11 16.66 -18.01 -30.08
CA GLU A 11 15.83 -17.09 -30.88
C GLU A 11 14.45 -17.01 -30.23
N ALA A 12 13.99 -15.80 -29.92
CA ALA A 12 12.69 -15.57 -29.26
C ALA A 12 11.71 -14.96 -30.26
N VAL A 13 10.48 -15.50 -30.25
CA VAL A 13 9.36 -14.98 -31.08
C VAL A 13 8.16 -14.76 -30.16
N LEU A 14 7.62 -13.54 -30.18
CA LEU A 14 6.32 -13.25 -29.53
C LEU A 14 5.23 -13.83 -30.40
N VAL A 15 4.33 -14.61 -29.80
CA VAL A 15 3.20 -15.25 -30.52
C VAL A 15 1.90 -14.83 -29.82
N GLU A 16 0.94 -14.35 -30.61
CA GLU A 16 -0.38 -13.90 -30.11
C GLU A 16 -1.49 -14.77 -30.70
N SER A 17 -2.59 -14.88 -29.95
CA SER A 17 -3.93 -15.20 -30.48
C SER A 17 -4.69 -13.88 -30.59
N ILE A 18 -5.19 -13.56 -31.78
CA ILE A 18 -6.09 -12.39 -32.02
C ILE A 18 -7.48 -12.94 -32.31
N PRO A 19 -8.47 -12.65 -31.45
CA PRO A 19 -9.84 -13.15 -31.63
C PRO A 19 -10.46 -12.79 -32.99
N GLU A 20 -11.30 -13.68 -33.50
CA GLU A 20 -12.05 -13.49 -34.77
C GLU A 20 -12.79 -12.15 -34.66
N GLY A 21 -12.55 -11.23 -35.60
CA GLY A 21 -13.24 -9.94 -35.68
C GLY A 21 -12.49 -8.79 -35.01
N LEU A 22 -11.42 -9.07 -34.25
CA LEU A 22 -10.57 -8.02 -33.61
C LEU A 22 -9.53 -7.53 -34.63
N ASP A 23 -9.61 -6.26 -35.05
CA ASP A 23 -8.80 -5.67 -36.14
C ASP A 23 -7.89 -4.57 -35.59
N PHE A 24 -6.62 -4.54 -36.04
CA PHE A 24 -5.62 -3.48 -35.78
C PHE A 24 -5.10 -2.95 -37.11
N PRO A 25 -5.79 -1.97 -37.74
CA PRO A 25 -5.35 -1.40 -39.01
C PRO A 25 -3.90 -0.85 -38.95
N ASN A 26 -3.06 -1.26 -39.90
CA ASN A 26 -1.68 -0.75 -40.12
C ASN A 26 -0.88 -0.90 -38.82
N ALA A 27 -0.60 -2.14 -38.41
CA ALA A 27 0.14 -2.50 -37.18
C ALA A 27 1.47 -3.16 -37.56
N GLY A 30 2.53 -7.48 -37.32
CA GLY A 30 1.96 -8.85 -37.28
C GLY A 30 2.96 -9.87 -36.76
N ASN A 31 2.51 -10.75 -35.86
CA ASN A 31 3.32 -11.83 -35.24
C ASN A 31 2.76 -13.19 -35.69
N PRO A 32 3.59 -14.26 -35.75
CA PRO A 32 3.07 -15.62 -35.96
C PRO A 32 2.04 -15.95 -34.86
N SER A 33 0.94 -16.62 -35.21
CA SER A 33 -0.16 -16.92 -34.25
C SER A 33 0.24 -18.07 -33.31
N THR A 34 -0.45 -18.17 -32.18
CA THR A 34 -0.26 -19.27 -31.21
C THR A 34 -0.46 -20.60 -31.96
N SER A 35 -1.53 -20.69 -32.74
CA SER A 35 -1.87 -21.89 -33.56
C SER A 35 -0.68 -22.26 -34.44
N GLN A 36 -0.18 -21.32 -35.24
CA GLN A 36 0.92 -21.56 -36.21
C GLN A 36 2.17 -22.02 -35.45
N ALA A 37 2.54 -21.31 -34.38
CA ALA A 37 3.74 -21.61 -33.55
C ALA A 37 3.61 -23.03 -32.99
N TRP A 38 2.45 -23.36 -32.40
CA TRP A 38 2.21 -24.69 -31.80
C TRP A 38 2.31 -25.80 -32.86
N LEU A 39 1.60 -25.65 -33.98
CA LEU A 39 1.64 -26.67 -35.07
C LEU A 39 3.08 -26.86 -35.54
N GLY A 40 3.85 -25.77 -35.66
CA GLY A 40 5.29 -25.80 -36.01
C GLY A 40 6.11 -26.61 -35.01
N LEU A 41 5.92 -26.36 -33.71
CA LEU A 41 6.63 -27.10 -32.64
C LEU A 41 6.29 -28.59 -32.74
N LEU A 42 5.02 -28.94 -32.95
CA LEU A 42 4.55 -30.34 -33.01
C LEU A 42 5.13 -31.04 -34.23
N ALA A 43 5.14 -30.37 -35.39
CA ALA A 43 5.70 -30.89 -36.66
C ALA A 43 7.18 -31.25 -36.49
N GLY A 44 7.92 -30.42 -35.74
CA GLY A 44 9.38 -30.56 -35.56
C GLY A 44 9.77 -31.48 -34.41
N ALA A 45 8.82 -31.86 -33.54
CA ALA A 45 9.08 -32.69 -32.32
C ALA A 45 9.52 -34.10 -32.72
N HIS A 46 10.69 -34.54 -32.23
CA HIS A 46 11.31 -35.84 -32.61
CA HIS A 46 11.29 -35.85 -32.61
C HIS A 46 11.59 -36.70 -31.37
N SER A 47 11.77 -36.08 -30.20
CA SER A 47 12.29 -36.75 -28.97
CA SER A 47 12.27 -36.80 -28.99
C SER A 47 11.30 -36.66 -27.81
N SER A 48 10.92 -35.43 -27.43
CA SER A 48 10.13 -35.21 -26.20
C SER A 48 9.23 -33.98 -26.30
N LEU A 49 8.07 -34.07 -25.63
CA LEU A 49 7.15 -32.93 -25.40
C LEU A 49 6.67 -33.00 -23.96
N ASP A 50 6.99 -31.97 -23.18
CA ASP A 50 6.44 -31.73 -21.82
C ASP A 50 5.47 -30.57 -21.90
N ILE A 51 4.25 -30.75 -21.39
CA ILE A 51 3.24 -29.66 -21.32
C ILE A 51 2.77 -29.53 -19.88
N ALA A 52 2.91 -28.33 -19.32
CA ALA A 52 2.24 -27.90 -18.08
C ALA A 52 0.95 -27.22 -18.49
N SER A 53 -0.17 -27.63 -17.89
CA SER A 53 -1.51 -27.21 -18.35
C SER A 53 -2.47 -27.06 -17.17
N PHE A 54 -3.43 -26.16 -17.37
CA PHE A 54 -4.51 -25.83 -16.41
C PHE A 54 -5.75 -26.69 -16.73
N TYR A 55 -6.12 -26.78 -18.01
CA TYR A 55 -7.28 -27.60 -18.46
C TYR A 55 -7.18 -27.83 -19.97
N TRP A 56 -7.97 -28.78 -20.46
CA TRP A 56 -7.99 -29.23 -21.88
C TRP A 56 -9.42 -29.16 -22.43
N THR A 57 -9.67 -28.24 -23.36
CA THR A 57 -10.93 -28.18 -24.15
C THR A 57 -10.58 -27.82 -25.60
N LEU A 58 -9.90 -28.73 -26.31
CA LEU A 58 -9.42 -28.46 -27.70
C LEU A 58 -10.53 -28.70 -28.73
N THR A 59 -11.71 -29.22 -28.34
CA THR A 59 -12.77 -29.60 -29.31
C THR A 59 -14.11 -28.92 -29.02
N ASN A 60 -14.93 -28.79 -30.05
CA ASN A 60 -16.36 -28.37 -29.94
C ASN A 60 -17.09 -29.25 -28.93
N ASN A 61 -16.87 -30.57 -28.98
CA ASN A 61 -17.59 -31.55 -28.11
C ASN A 61 -17.26 -31.25 -26.65
N ASP A 62 -16.02 -30.82 -26.36
CA ASP A 62 -15.58 -30.49 -24.98
C ASP A 62 -16.39 -29.32 -24.43
N THR A 63 -16.75 -28.35 -25.29
CA THR A 63 -17.43 -27.09 -24.89
C THR A 63 -18.92 -27.15 -25.22
N HIS A 64 -19.41 -28.27 -25.76
CA HIS A 64 -20.83 -28.48 -26.16
C HIS A 64 -21.24 -27.40 -27.17
N THR A 65 -20.35 -27.05 -28.09
CA THR A 65 -20.55 -26.00 -29.12
C THR A 65 -20.47 -26.64 -30.52
N GLN A 66 -20.84 -25.86 -31.55
CA GLN A 66 -20.73 -26.24 -32.99
C GLN A 66 -20.12 -25.05 -33.74
N GLU A 67 -19.07 -24.45 -33.17
CA GLU A 67 -18.38 -23.27 -33.73
C GLU A 67 -17.38 -23.69 -34.79
N PRO A 68 -17.46 -23.14 -36.03
CA PRO A 68 -16.39 -23.34 -37.01
C PRO A 68 -14.98 -22.98 -36.52
N SER A 69 -14.87 -22.00 -35.62
CA SER A 69 -13.57 -21.43 -35.16
C SER A 69 -12.88 -22.39 -34.18
N ALA A 70 -13.49 -23.54 -33.88
CA ALA A 70 -12.89 -24.59 -33.02
C ALA A 70 -11.93 -25.46 -33.83
N GLN A 71 -11.93 -25.33 -35.16
CA GLN A 71 -11.12 -26.18 -36.10
C GLN A 71 -9.63 -26.14 -35.74
N GLN A 72 -9.06 -24.97 -35.42
CA GLN A 72 -7.61 -24.83 -35.10
C GLN A 72 -7.29 -25.67 -33.86
N GLY A 73 -8.10 -25.59 -32.80
CA GLY A 73 -7.90 -26.39 -31.58
C GLY A 73 -7.96 -27.88 -31.89
N GLU A 74 -8.96 -28.29 -32.68
CA GLU A 74 -9.17 -29.70 -33.07
C GLU A 74 -7.96 -30.21 -33.86
N GLU A 75 -7.35 -29.35 -34.69
CA GLU A 75 -6.15 -29.73 -35.49
C GLU A 75 -4.96 -29.91 -34.54
N VAL A 76 -4.81 -29.04 -33.54
CA VAL A 76 -3.73 -29.18 -32.52
C VAL A 76 -3.87 -30.55 -31.84
N LEU A 77 -5.08 -30.92 -31.40
CA LEU A 77 -5.30 -32.23 -30.71
C LEU A 77 -4.96 -33.37 -31.67
N ARG A 78 -5.38 -33.28 -32.93
CA ARG A 78 -5.08 -34.35 -33.92
CA ARG A 78 -5.08 -34.31 -33.96
C ARG A 78 -3.56 -34.49 -34.08
N GLN A 79 -2.83 -33.37 -34.14
CA GLN A 79 -1.35 -33.41 -34.31
C GLN A 79 -0.68 -33.92 -33.02
N LEU A 80 -1.19 -33.54 -31.85
CA LEU A 80 -0.66 -34.05 -30.55
C LEU A 80 -0.75 -35.59 -30.54
N GLN A 81 -1.86 -36.13 -31.07
CA GLN A 81 -2.15 -37.60 -31.08
C GLN A 81 -1.14 -38.37 -31.94
N THR A 82 -0.42 -37.71 -32.85
CA THR A 82 0.56 -38.36 -33.78
C THR A 82 1.91 -38.55 -33.09
N LEU A 83 2.16 -37.88 -31.96
CA LEU A 83 3.53 -37.75 -31.38
C LEU A 83 3.99 -39.07 -30.75
N ALA A 84 3.24 -39.63 -29.81
CA ALA A 84 3.64 -40.84 -29.04
C ALA A 84 3.83 -42.01 -30.00
N PRO A 85 2.91 -42.24 -30.96
CA PRO A 85 3.10 -43.29 -31.97
C PRO A 85 4.40 -43.18 -32.80
N LYS A 86 4.92 -41.97 -33.03
CA LYS A 86 6.15 -41.74 -33.85
C LYS A 86 7.39 -41.71 -32.94
N GLY A 87 7.23 -42.01 -31.64
CA GLY A 87 8.34 -42.24 -30.71
C GLY A 87 8.66 -41.05 -29.81
N VAL A 88 7.87 -39.97 -29.88
CA VAL A 88 8.03 -38.78 -29.01
C VAL A 88 7.53 -39.15 -27.61
N ASN A 89 8.35 -38.88 -26.59
CA ASN A 89 7.98 -39.05 -25.16
C ASN A 89 7.12 -37.84 -24.78
N VAL A 90 5.81 -38.03 -24.70
CA VAL A 90 4.84 -36.96 -24.33
C VAL A 90 4.48 -37.11 -22.86
N ARG A 91 4.74 -36.06 -22.07
CA ARG A 91 4.35 -35.98 -20.64
C ARG A 91 3.52 -34.72 -20.45
N ILE A 92 2.29 -34.89 -19.97
CA ILE A 92 1.33 -33.79 -19.72
C ILE A 92 1.00 -33.77 -18.24
N ALA A 93 1.32 -32.66 -17.57
CA ALA A 93 0.89 -32.32 -16.20
C ALA A 93 -0.33 -31.42 -16.32
N VAL A 94 -1.42 -31.77 -15.64
CA VAL A 94 -2.71 -31.02 -15.71
C VAL A 94 -3.21 -30.79 -14.29
N SER A 95 -3.75 -29.60 -14.04
CA SER A 95 -4.41 -29.25 -12.76
C SER A 95 -5.58 -30.20 -12.55
N LYS A 96 -5.70 -30.74 -11.33
CA LYS A 96 -6.91 -31.50 -10.92
C LYS A 96 -8.11 -30.55 -10.98
N PRO A 97 -9.22 -30.92 -11.65
CA PRO A 97 -10.41 -30.08 -11.65
C PRO A 97 -11.14 -30.08 -10.29
N SER A 98 -11.88 -29.01 -10.00
CA SER A 98 -12.56 -28.75 -8.70
C SER A 98 -13.52 -29.90 -8.37
N GLY A 99 -14.34 -30.32 -9.33
CA GLY A 99 -15.32 -31.42 -9.18
C GLY A 99 -15.24 -32.42 -10.33
N PRO A 100 -16.13 -33.43 -10.37
CA PRO A 100 -16.13 -34.42 -11.45
C PRO A 100 -16.27 -33.73 -12.81
N GLN A 101 -15.47 -34.16 -13.79
CA GLN A 101 -15.43 -33.57 -15.16
CA GLN A 101 -15.45 -33.58 -15.16
C GLN A 101 -14.89 -34.61 -16.14
N PRO A 102 -15.49 -34.77 -17.34
CA PRO A 102 -14.93 -35.66 -18.37
C PRO A 102 -13.64 -35.05 -18.92
N GLN A 103 -12.71 -35.90 -19.36
CA GLN A 103 -11.37 -35.50 -19.87
C GLN A 103 -11.15 -36.17 -21.23
N ALA A 104 -11.94 -35.80 -22.24
CA ALA A 104 -11.94 -36.43 -23.58
C ALA A 104 -10.56 -36.25 -24.23
N ASP A 105 -10.01 -35.03 -24.23
CA ASP A 105 -8.70 -34.73 -24.86
C ASP A 105 -7.62 -35.63 -24.25
N LEU A 106 -7.55 -35.69 -22.92
CA LEU A 106 -6.49 -36.43 -22.22
C LEU A 106 -6.70 -37.94 -22.38
N GLN A 107 -7.95 -38.41 -22.39
CA GLN A 107 -8.27 -39.83 -22.68
C GLN A 107 -7.75 -40.18 -24.07
N ALA A 108 -7.95 -39.29 -25.06
CA ALA A 108 -7.47 -39.47 -26.45
C ALA A 108 -5.94 -39.54 -26.48
N LEU A 109 -5.26 -38.64 -25.75
CA LEU A 109 -3.78 -38.59 -25.72
C LEU A 109 -3.22 -39.82 -24.98
N LEU A 110 -3.84 -40.26 -23.89
CA LEU A 110 -3.47 -41.51 -23.18
C LEU A 110 -3.55 -42.69 -24.17
N GLN A 111 -4.64 -42.77 -24.93
CA GLN A 111 -4.87 -43.89 -25.90
C GLN A 111 -3.78 -43.85 -26.98
N SER A 112 -3.24 -42.67 -27.30
CA SER A 112 -2.17 -42.47 -28.33
C SER A 112 -0.80 -42.86 -27.77
N GLY A 113 -0.66 -43.01 -26.45
CA GLY A 113 0.60 -43.44 -25.81
C GLY A 113 1.28 -42.32 -25.02
N ALA A 114 0.66 -41.14 -24.95
CA ALA A 114 1.13 -40.02 -24.10
C ALA A 114 0.96 -40.41 -22.63
N GLN A 115 1.83 -39.86 -21.77
CA GLN A 115 1.70 -39.97 -20.29
CA GLN A 115 1.72 -39.97 -20.29
C GLN A 115 1.01 -38.73 -19.76
N VAL A 116 0.03 -38.91 -18.88
CA VAL A 116 -0.77 -37.81 -18.27
C VAL A 116 -0.79 -38.01 -16.76
N ARG A 117 -0.48 -36.95 -16.02
CA ARG A 117 -0.64 -36.93 -14.55
C ARG A 117 -1.42 -35.69 -14.14
N MET A 118 -2.44 -35.91 -13.31
CA MET A 118 -3.23 -34.82 -12.67
C MET A 118 -2.50 -34.41 -11.39
N VAL A 119 -2.27 -33.10 -11.22
CA VAL A 119 -1.63 -32.55 -10.00
C VAL A 119 -2.71 -31.96 -9.10
N ASP A 120 -2.83 -32.47 -7.88
CA ASP A 120 -3.82 -32.01 -6.88
C ASP A 120 -3.22 -30.84 -6.09
N MET A 121 -3.09 -29.67 -6.73
CA MET A 121 -2.53 -28.47 -6.05
C MET A 121 -3.47 -28.04 -4.91
N GLN A 122 -4.78 -28.29 -5.01
CA GLN A 122 -5.73 -27.91 -3.92
CA GLN A 122 -5.75 -27.95 -3.94
C GLN A 122 -5.30 -28.62 -2.63
N LYS A 123 -4.97 -29.91 -2.70
CA LYS A 123 -4.50 -30.72 -1.55
C LYS A 123 -3.12 -30.20 -1.09
N LEU A 124 -2.21 -29.97 -2.03
CA LEU A 124 -0.77 -29.70 -1.76
C LEU A 124 -0.56 -28.28 -1.23
N THR A 125 -1.19 -27.26 -1.84
CA THR A 125 -0.92 -25.83 -1.54
C THR A 125 -2.20 -24.97 -1.42
N HIS A 126 -3.40 -25.56 -1.56
CA HIS A 126 -4.70 -24.84 -1.63
C HIS A 126 -4.75 -23.93 -2.87
N GLY A 127 -4.00 -24.29 -3.93
CA GLY A 127 -3.99 -23.57 -5.21
C GLY A 127 -4.35 -24.48 -6.36
N VAL A 128 -4.04 -24.05 -7.57
CA VAL A 128 -4.29 -24.83 -8.82
C VAL A 128 -3.01 -24.82 -9.65
N LEU A 129 -2.89 -25.74 -10.60
CA LEU A 129 -1.75 -25.77 -11.55
C LEU A 129 -2.15 -24.89 -12.72
N HIS A 130 -1.86 -23.59 -12.62
CA HIS A 130 -2.34 -22.58 -13.60
C HIS A 130 -1.34 -22.41 -14.75
N THR A 131 -0.09 -22.83 -14.54
CA THR A 131 1.04 -22.67 -15.49
C THR A 131 0.66 -23.20 -16.87
N LYS A 132 1.01 -22.44 -17.91
CA LYS A 132 0.94 -22.87 -19.33
C LYS A 132 2.34 -22.80 -19.94
N PHE A 133 2.96 -23.94 -20.23
CA PHE A 133 4.20 -23.97 -21.03
C PHE A 133 4.35 -25.33 -21.71
N TRP A 134 5.12 -25.32 -22.79
CA TRP A 134 5.56 -26.48 -23.59
C TRP A 134 7.09 -26.52 -23.57
N VAL A 135 7.68 -27.69 -23.38
CA VAL A 135 9.13 -27.86 -23.65
C VAL A 135 9.27 -28.95 -24.72
N VAL A 136 9.91 -28.61 -25.84
CA VAL A 136 9.98 -29.49 -27.04
C VAL A 136 11.43 -29.91 -27.24
N ASP A 137 11.70 -31.22 -27.18
CA ASP A 137 13.00 -31.84 -27.52
C ASP A 137 14.11 -31.22 -26.65
N GLN A 138 13.78 -30.77 -25.43
CA GLN A 138 14.72 -30.10 -24.50
C GLN A 138 15.50 -29.00 -25.26
N THR A 139 14.84 -28.30 -26.19
CA THR A 139 15.51 -27.33 -27.09
C THR A 139 14.66 -26.05 -27.21
N HIS A 140 13.35 -26.19 -27.47
CA HIS A 140 12.42 -25.07 -27.66
C HIS A 140 11.41 -25.04 -26.51
N PHE A 141 10.85 -23.87 -26.21
CA PHE A 141 9.70 -23.83 -25.27
C PHE A 141 8.74 -22.72 -25.66
N TYR A 142 7.48 -22.95 -25.32
CA TYR A 142 6.41 -21.93 -25.32
C TYR A 142 6.10 -21.61 -23.86
N LEU A 143 6.04 -20.32 -23.53
CA LEU A 143 5.55 -19.86 -22.21
C LEU A 143 4.60 -18.69 -22.47
N GLY A 144 3.42 -18.71 -21.86
CA GLY A 144 2.48 -17.60 -22.08
C GLY A 144 1.10 -17.87 -21.54
N SER A 145 0.10 -17.14 -22.04
CA SER A 145 -1.24 -17.10 -21.45
C SER A 145 -2.14 -18.20 -22.01
N ALA A 146 -1.82 -18.76 -23.17
CA ALA A 146 -2.72 -19.65 -23.95
C ALA A 146 -2.86 -21.00 -23.23
N ASN A 147 -4.10 -21.38 -22.90
CA ASN A 147 -4.47 -22.70 -22.35
C ASN A 147 -4.64 -23.71 -23.51
N MET A 148 -4.76 -25.00 -23.16
CA MET A 148 -4.98 -26.08 -24.16
C MET A 148 -6.47 -26.08 -24.51
N ASP A 149 -6.89 -25.03 -25.19
CA ASP A 149 -8.33 -24.67 -25.36
C ASP A 149 -8.47 -24.12 -26.78
N TRP A 150 -9.41 -24.64 -27.57
CA TRP A 150 -9.63 -24.13 -28.95
C TRP A 150 -9.93 -22.63 -28.89
N ARG A 151 -10.61 -22.20 -27.83
CA ARG A 151 -10.97 -20.76 -27.60
C ARG A 151 -9.69 -19.90 -27.46
N SER A 152 -8.61 -20.47 -26.92
CA SER A 152 -7.29 -19.81 -26.77
C SER A 152 -6.66 -19.47 -28.13
N LEU A 153 -7.12 -20.09 -29.21
CA LEU A 153 -6.54 -19.86 -30.56
C LEU A 153 -7.34 -18.82 -31.34
N THR A 154 -8.67 -18.79 -31.21
CA THR A 154 -9.56 -18.04 -32.14
C THR A 154 -10.54 -17.09 -31.44
N GLN A 155 -10.80 -17.19 -30.12
CA GLN A 155 -11.91 -16.44 -29.48
C GLN A 155 -11.45 -15.62 -28.27
N VAL A 156 -10.18 -15.73 -27.89
CA VAL A 156 -9.60 -14.94 -26.77
C VAL A 156 -8.25 -14.44 -27.23
N LYS A 157 -7.84 -13.27 -26.71
CA LYS A 157 -6.51 -12.70 -27.01
C LYS A 157 -5.49 -13.31 -26.06
N GLU A 158 -4.35 -13.73 -26.60
CA GLU A 158 -3.26 -14.40 -25.84
C GLU A 158 -1.93 -13.75 -26.21
N LEU A 159 -0.98 -13.77 -25.29
CA LEU A 159 0.43 -13.35 -25.50
C LEU A 159 1.31 -14.45 -24.91
N GLY A 160 2.23 -14.96 -25.71
CA GLY A 160 3.31 -15.83 -25.22
C GLY A 160 4.58 -15.62 -26.01
N VAL A 161 5.59 -16.36 -25.65
CA VAL A 161 6.90 -16.39 -26.35
C VAL A 161 7.23 -17.84 -26.65
N VAL A 162 7.75 -18.06 -27.85
CA VAL A 162 8.46 -19.33 -28.19
C VAL A 162 9.95 -18.99 -28.21
N MET A 163 10.72 -19.67 -27.37
CA MET A 163 12.19 -19.59 -27.40
C MET A 163 12.66 -20.83 -28.18
N TYR A 164 13.31 -20.61 -29.32
CA TYR A 164 13.84 -21.68 -30.19
C TYR A 164 15.34 -21.85 -29.96
N ASN A 165 15.84 -23.09 -30.10
CA ASN A 165 17.30 -23.38 -30.20
C ASN A 165 18.00 -22.84 -28.95
N CYS A 166 17.43 -23.11 -27.77
CA CYS A 166 17.90 -22.55 -26.48
C CYS A 166 17.87 -23.68 -25.43
N SER A 167 18.63 -24.75 -25.67
N SER A 167 18.61 -24.75 -25.71
CA SER A 167 18.59 -26.00 -24.87
CA SER A 167 18.65 -25.99 -24.89
C SER A 167 18.91 -25.73 -23.39
C SER A 167 18.86 -25.65 -23.41
N CYS A 168 19.83 -24.81 -23.09
CA CYS A 168 20.21 -24.42 -21.70
CA CYS A 168 20.21 -24.43 -21.69
CA CYS A 168 20.19 -24.51 -21.68
C CYS A 168 18.95 -24.00 -20.93
N LEU A 169 18.18 -23.11 -21.54
CA LEU A 169 16.97 -22.52 -20.89
C LEU A 169 15.82 -23.54 -20.94
N ALA A 170 15.70 -24.33 -22.03
CA ALA A 170 14.70 -25.42 -22.12
C ALA A 170 14.91 -26.42 -20.97
N ARG A 171 16.16 -26.83 -20.73
CA ARG A 171 16.49 -27.77 -19.62
C ARG A 171 16.14 -27.11 -18.28
N ASP A 172 16.40 -25.82 -18.15
CA ASP A 172 16.08 -25.07 -16.91
C ASP A 172 14.57 -25.10 -16.66
N LEU A 173 13.76 -24.86 -17.70
CA LEU A 173 12.27 -24.90 -17.59
C LEU A 173 11.81 -26.32 -17.24
N THR A 174 12.48 -27.35 -17.77
CA THR A 174 12.12 -28.77 -17.51
C THR A 174 12.22 -29.06 -15.99
N LYS A 175 13.12 -28.38 -15.27
CA LYS A 175 13.26 -28.55 -13.80
C LYS A 175 11.95 -28.14 -13.11
N ILE A 176 11.29 -27.09 -13.62
CA ILE A 176 9.97 -26.64 -13.09
C ILE A 176 8.94 -27.72 -13.43
N PHE A 177 8.93 -28.20 -14.68
CA PHE A 177 7.99 -29.26 -15.12
C PHE A 177 8.15 -30.49 -14.22
N GLU A 178 9.39 -30.89 -13.94
CA GLU A 178 9.69 -32.14 -13.18
CA GLU A 178 9.69 -32.14 -13.18
C GLU A 178 9.04 -32.07 -11.80
N ALA A 179 8.94 -30.87 -11.18
CA ALA A 179 8.26 -30.71 -9.87
C ALA A 179 6.78 -31.07 -10.03
N TYR A 180 6.11 -30.55 -11.06
CA TYR A 180 4.69 -30.87 -11.35
C TYR A 180 4.56 -32.37 -11.59
N TRP A 181 5.49 -32.93 -12.37
CA TRP A 181 5.49 -34.36 -12.79
C TRP A 181 5.60 -35.26 -11.55
N PHE A 182 6.52 -34.93 -10.65
CA PHE A 182 6.68 -35.62 -9.35
C PHE A 182 5.38 -35.54 -8.54
N LEU A 183 4.82 -34.33 -8.43
CA LEU A 183 3.62 -34.10 -7.57
C LEU A 183 2.38 -34.76 -8.16
N GLY A 184 2.37 -35.08 -9.46
CA GLY A 184 1.25 -35.75 -10.14
C GLY A 184 1.13 -37.22 -9.78
N GLN A 185 2.05 -37.78 -8.99
CA GLN A 185 2.07 -39.22 -8.63
C GLN A 185 1.24 -39.47 -7.37
N ALA A 186 0.55 -40.61 -7.31
CA ALA A 186 -0.21 -41.07 -6.13
C ALA A 186 0.72 -41.03 -4.90
N GLY A 187 0.22 -40.47 -3.79
CA GLY A 187 0.92 -40.42 -2.50
C GLY A 187 1.92 -39.28 -2.42
N SER A 188 2.03 -38.45 -3.46
CA SER A 188 3.00 -37.33 -3.49
C SER A 188 2.71 -36.34 -2.36
N SER A 189 3.76 -35.70 -1.87
CA SER A 189 3.72 -34.63 -0.84
CA SER A 189 3.69 -34.60 -0.88
C SER A 189 4.80 -33.60 -1.20
N ILE A 190 4.64 -32.37 -0.73
CA ILE A 190 5.71 -31.34 -0.88
C ILE A 190 6.90 -31.80 -0.07
N PRO A 191 8.09 -32.03 -0.68
CA PRO A 191 9.28 -32.38 0.10
C PRO A 191 9.72 -31.17 0.91
N SER A 192 10.16 -31.38 2.16
CA SER A 192 10.71 -30.30 3.03
C SER A 192 11.89 -29.65 2.31
N THR A 193 12.70 -30.48 1.61
CA THR A 193 13.82 -30.04 0.74
C THR A 193 13.75 -30.77 -0.60
N TRP A 194 13.62 -30.02 -1.70
CA TRP A 194 13.71 -30.57 -3.07
C TRP A 194 15.11 -31.11 -3.30
N PRO A 195 15.25 -32.31 -3.90
CA PRO A 195 16.55 -32.82 -4.34
C PRO A 195 17.34 -31.84 -5.20
N ARG A 196 18.66 -32.00 -5.20
CA ARG A 196 19.65 -31.12 -5.88
C ARG A 196 19.32 -31.01 -7.37
N PHE A 197 18.78 -32.05 -8.00
CA PHE A 197 18.55 -32.07 -9.48
C PHE A 197 17.46 -31.05 -9.88
N TYR A 198 16.63 -30.59 -8.94
CA TYR A 198 15.62 -29.51 -9.16
C TYR A 198 16.26 -28.11 -9.08
N ASP A 199 17.45 -27.99 -8.48
CA ASP A 199 18.09 -26.69 -8.20
C ASP A 199 18.50 -26.02 -9.52
N THR A 200 18.57 -24.70 -9.52
CA THR A 200 19.08 -23.93 -10.68
C THR A 200 20.14 -22.94 -10.21
N ARG A 201 21.11 -22.67 -11.08
CA ARG A 201 22.15 -21.64 -10.91
C ARG A 201 21.71 -20.32 -11.54
N TYR A 202 20.57 -20.30 -12.24
CA TYR A 202 20.12 -19.20 -13.12
C TYR A 202 18.91 -18.52 -12.48
N ASN A 203 19.10 -17.28 -12.01
CA ASN A 203 18.15 -16.60 -11.12
C ASN A 203 18.41 -15.09 -11.17
N GLN A 204 17.62 -14.33 -10.40
CA GLN A 204 17.70 -12.85 -10.36
C GLN A 204 19.14 -12.41 -10.11
N GLU A 205 19.86 -13.04 -9.19
CA GLU A 205 21.22 -12.60 -8.78
C GLU A 205 22.23 -12.93 -9.89
N THR A 206 22.10 -14.10 -10.51
CA THR A 206 22.98 -14.57 -11.62
C THR A 206 22.12 -15.15 -12.73
N PRO A 207 21.56 -14.31 -13.62
CA PRO A 207 20.79 -14.81 -14.76
C PRO A 207 21.67 -15.59 -15.75
N MET A 208 21.03 -16.36 -16.61
CA MET A 208 21.76 -17.10 -17.67
C MET A 208 22.22 -16.10 -18.74
N GLU A 209 23.51 -16.12 -19.06
CA GLU A 209 24.08 -15.40 -20.22
C GLU A 209 23.72 -16.18 -21.48
N ILE A 210 22.84 -15.63 -22.31
CA ILE A 210 22.46 -16.26 -23.61
C ILE A 210 22.84 -15.34 -24.76
N CYS A 211 23.02 -15.93 -25.93
CA CYS A 211 23.03 -15.22 -27.23
C CYS A 211 21.60 -15.22 -27.75
N LEU A 212 20.90 -14.09 -27.64
CA LEU A 212 19.48 -13.96 -28.02
C LEU A 212 19.38 -13.17 -29.33
N ASN A 213 19.00 -13.83 -30.41
CA ASN A 213 18.91 -13.20 -31.75
C ASN A 213 20.24 -12.50 -32.08
N GLY A 214 21.37 -13.12 -31.72
CA GLY A 214 22.71 -12.72 -32.19
C GLY A 214 23.41 -11.72 -31.29
N THR A 215 22.79 -11.24 -30.20
CA THR A 215 23.46 -10.33 -29.23
C THR A 215 23.27 -10.82 -27.81
N PRO A 216 24.21 -10.50 -26.88
CA PRO A 216 24.11 -10.94 -25.50
C PRO A 216 22.82 -10.48 -24.80
N ALA A 217 22.23 -11.39 -24.03
CA ALA A 217 21.08 -11.12 -23.14
C ALA A 217 21.26 -11.91 -21.83
N LEU A 218 20.55 -11.46 -20.80
CA LEU A 218 20.45 -12.15 -19.49
C LEU A 218 19.01 -12.64 -19.34
N ALA A 219 18.84 -13.94 -19.13
CA ALA A 219 17.51 -14.58 -19.04
C ALA A 219 17.47 -15.47 -17.82
N TYR A 220 16.32 -15.50 -17.15
CA TYR A 220 16.03 -16.53 -16.12
C TYR A 220 14.53 -16.76 -16.05
N LEU A 221 14.18 -17.88 -15.41
CA LEU A 221 12.79 -18.35 -15.24
C LEU A 221 12.50 -18.37 -13.75
N ALA A 222 11.41 -17.71 -13.36
CA ALA A 222 10.91 -17.61 -11.97
C ALA A 222 9.69 -18.52 -11.88
N SER A 223 9.37 -18.98 -10.67
CA SER A 223 8.25 -19.94 -10.51
CA SER A 223 8.39 -20.06 -10.41
C SER A 223 7.54 -19.70 -9.19
N ALA A 224 6.32 -20.19 -9.15
CA ALA A 224 5.39 -20.09 -8.00
C ALA A 224 4.68 -21.44 -7.87
N PRO A 225 4.15 -21.82 -6.69
CA PRO A 225 4.28 -21.05 -5.45
C PRO A 225 5.51 -21.43 -4.62
N PRO A 226 5.75 -20.73 -3.50
CA PRO A 226 6.95 -20.97 -2.68
C PRO A 226 7.22 -22.44 -2.32
N PRO A 227 6.23 -23.26 -1.91
CA PRO A 227 6.49 -24.67 -1.59
C PRO A 227 7.15 -25.47 -2.73
N LEU A 228 6.98 -25.04 -3.99
CA LEU A 228 7.55 -25.75 -5.17
C LEU A 228 8.92 -25.19 -5.55
N PRO A 230 12.75 -24.87 -5.34
CA PRO A 230 13.98 -25.47 -4.85
C PRO A 230 15.08 -24.40 -4.69
N SER A 231 16.22 -24.82 -4.15
CA SER A 231 17.39 -23.93 -3.95
C SER A 231 17.76 -23.26 -5.28
N GLY A 232 17.93 -21.94 -5.26
CA GLY A 232 18.43 -21.17 -6.41
C GLY A 232 17.34 -20.64 -7.32
N ARG A 233 16.10 -21.11 -7.19
CA ARG A 233 14.98 -20.69 -8.09
C ARG A 233 14.34 -19.42 -7.55
N THR A 234 14.34 -18.34 -8.34
CA THR A 234 13.72 -17.06 -7.94
C THR A 234 12.20 -17.22 -7.92
N PRO A 235 11.55 -16.84 -6.79
CA PRO A 235 10.09 -16.71 -6.76
C PRO A 235 9.55 -15.72 -7.81
N ASP A 236 8.44 -16.08 -8.45
CA ASP A 236 7.75 -15.23 -9.46
C ASP A 236 7.56 -13.82 -8.86
N LEU A 237 7.06 -13.72 -7.62
CA LEU A 237 6.75 -12.40 -7.02
C LEU A 237 8.04 -11.56 -6.92
N LYS A 238 9.13 -12.14 -6.44
CA LYS A 238 10.45 -11.45 -6.32
C LYS A 238 10.89 -10.95 -7.70
N ALA A 239 10.78 -11.80 -8.74
CA ALA A 239 11.21 -11.46 -10.12
C ALA A 239 10.42 -10.25 -10.62
N LEU A 240 9.10 -10.32 -10.44
CA LEU A 240 8.13 -9.28 -10.87
C LEU A 240 8.45 -7.95 -10.16
N LEU A 241 8.59 -7.99 -8.82
CA LEU A 241 8.81 -6.75 -8.03
C LEU A 241 10.20 -6.18 -8.36
N ASN A 242 11.18 -7.01 -8.70
CA ASN A 242 12.53 -6.53 -9.08
C ASN A 242 12.41 -5.69 -10.35
N VAL A 243 11.63 -6.14 -11.33
CA VAL A 243 11.44 -5.40 -12.61
C VAL A 243 10.79 -4.04 -12.30
N VAL A 244 9.77 -4.05 -11.43
CA VAL A 244 9.03 -2.82 -11.01
C VAL A 244 10.02 -1.87 -10.30
N ASP A 245 10.81 -2.41 -9.39
CA ASP A 245 11.72 -1.63 -8.50
C ASP A 245 12.89 -1.05 -9.31
N ASN A 246 13.28 -1.69 -10.42
CA ASN A 246 14.44 -1.29 -11.25
C ASN A 246 14.04 -0.32 -12.37
N ALA A 247 12.75 -0.18 -12.68
CA ALA A 247 12.26 0.73 -13.74
C ALA A 247 12.65 2.18 -13.39
N ARG A 248 13.15 2.94 -14.36
CA ARG A 248 13.51 4.37 -14.17
C ARG A 248 12.70 5.27 -15.11
N SER A 249 11.93 4.72 -16.07
CA SER A 249 11.23 5.52 -17.11
CA SER A 249 11.22 5.53 -17.09
C SER A 249 9.74 5.14 -17.14
N PHE A 250 9.43 3.89 -17.44
CA PHE A 250 8.02 3.44 -17.55
C PHE A 250 7.88 1.98 -17.16
N ILE A 251 6.67 1.66 -16.69
CA ILE A 251 6.19 0.28 -16.45
C ILE A 251 4.86 0.14 -17.19
N TYR A 252 4.85 -0.70 -18.21
CA TYR A 252 3.61 -1.06 -18.96
C TYR A 252 3.22 -2.49 -18.59
N VAL A 253 2.03 -2.65 -18.03
CA VAL A 253 1.48 -3.97 -17.59
C VAL A 253 0.19 -4.23 -18.34
N ALA A 254 0.13 -5.35 -19.07
CA ALA A 254 -1.14 -5.89 -19.60
C ALA A 254 -1.41 -7.21 -18.88
N VAL A 255 -2.45 -7.24 -18.05
CA VAL A 255 -2.80 -8.45 -17.27
C VAL A 255 -4.31 -8.54 -17.21
N MET A 256 -4.83 -9.75 -17.34
CA MET A 256 -6.28 -9.99 -17.44
C MET A 256 -6.98 -9.49 -16.17
N ASN A 257 -6.43 -9.84 -15.02
CA ASN A 257 -6.97 -9.47 -13.68
C ASN A 257 -5.84 -8.91 -12.83
N TYR A 258 -6.13 -7.82 -12.13
CA TYR A 258 -5.26 -7.17 -11.12
C TYR A 258 -6.11 -6.93 -9.88
N LEU A 259 -5.70 -7.50 -8.75
CA LEU A 259 -6.46 -7.37 -7.48
C LEU A 259 -5.46 -7.46 -6.34
N PRO A 260 -5.25 -6.38 -5.55
CA PRO A 260 -4.31 -6.41 -4.42
C PRO A 260 -4.92 -7.10 -3.19
N THR A 261 -5.28 -8.37 -3.35
CA THR A 261 -5.97 -9.19 -2.34
C THR A 261 -5.54 -10.65 -2.48
N LEU A 262 -5.79 -11.44 -1.44
CA LEU A 262 -5.79 -12.93 -1.53
C LEU A 262 -7.24 -13.35 -1.78
N GLU A 263 -7.58 -13.60 -3.05
CA GLU A 263 -8.99 -13.65 -3.58
C GLU A 263 -9.70 -14.90 -3.05
N PHE A 264 -11.00 -14.77 -2.76
CA PHE A 264 -11.91 -15.84 -2.27
C PHE A 264 -11.52 -16.27 -0.84
N SER A 265 -10.73 -15.45 -0.14
CA SER A 265 -10.30 -15.70 1.26
C SER A 265 -11.44 -15.35 2.22
N HIS A 266 -11.52 -16.07 3.35
CA HIS A 266 -12.51 -15.86 4.42
C HIS A 266 -11.83 -16.03 5.78
N PRO A 267 -11.46 -14.93 6.48
CA PRO A 267 -11.81 -13.57 6.08
C PRO A 267 -10.99 -13.04 4.90
N HIS A 268 -11.48 -11.98 4.25
CA HIS A 268 -10.81 -11.25 3.14
C HIS A 268 -9.42 -10.80 3.63
N ARG A 269 -8.39 -10.88 2.77
CA ARG A 269 -7.01 -10.45 3.12
C ARG A 269 -6.48 -9.47 2.06
N PHE A 270 -6.03 -8.30 2.52
CA PHE A 270 -5.42 -7.24 1.69
C PHE A 270 -4.00 -7.69 1.35
N TRP A 271 -3.58 -7.48 0.10
CA TRP A 271 -2.28 -7.96 -0.43
C TRP A 271 -1.66 -6.87 -1.31
N PRO A 272 -0.98 -5.87 -0.71
CA PRO A 272 -0.45 -4.74 -1.48
C PRO A 272 0.97 -4.85 -2.08
N ALA A 273 1.55 -6.06 -2.14
CA ALA A 273 2.94 -6.28 -2.62
C ALA A 273 3.18 -5.54 -3.95
N ILE A 274 2.36 -5.83 -4.96
CA ILE A 274 2.54 -5.23 -6.31
C ILE A 274 2.07 -3.77 -6.26
N ASP A 275 0.90 -3.54 -5.65
CA ASP A 275 0.25 -2.22 -5.55
C ASP A 275 1.25 -1.19 -4.98
N ASP A 276 1.91 -1.51 -3.87
CA ASP A 276 2.87 -0.57 -3.23
C ASP A 276 4.12 -0.45 -4.10
N GLY A 277 4.50 -1.51 -4.80
CA GLY A 277 5.60 -1.46 -5.78
C GLY A 277 5.34 -0.40 -6.84
N LEU A 278 4.15 -0.40 -7.40
CA LEU A 278 3.77 0.56 -8.48
C LEU A 278 3.67 1.97 -7.90
N ARG A 279 3.09 2.14 -6.71
CA ARG A 279 2.98 3.46 -6.05
C ARG A 279 4.39 4.02 -5.78
N ARG A 280 5.28 3.19 -5.24
CA ARG A 280 6.69 3.55 -4.98
C ARG A 280 7.37 3.99 -6.28
N ALA A 281 7.19 3.23 -7.37
CA ALA A 281 7.85 3.51 -8.67
C ALA A 281 7.45 4.91 -9.14
N THR A 282 6.16 5.22 -9.12
CA THR A 282 5.65 6.49 -9.69
C THR A 282 6.06 7.64 -8.78
N TYR A 283 5.99 7.45 -7.46
CA TYR A 283 6.22 8.53 -6.48
C TYR A 283 7.73 8.81 -6.30
N GLU A 284 8.53 7.76 -6.10
CA GLU A 284 9.97 7.92 -5.77
C GLU A 284 10.80 8.22 -7.02
N ARG A 285 10.42 7.67 -8.17
CA ARG A 285 11.30 7.66 -9.37
C ARG A 285 10.61 8.31 -10.58
N GLY A 286 9.37 8.80 -10.44
CA GLY A 286 8.64 9.47 -11.53
C GLY A 286 8.40 8.52 -12.70
N VAL A 287 8.32 7.23 -12.41
CA VAL A 287 8.09 6.18 -13.45
C VAL A 287 6.65 6.33 -13.96
N LYS A 288 6.47 6.39 -15.27
CA LYS A 288 5.13 6.41 -15.90
C LYS A 288 4.59 4.98 -15.92
N VAL A 289 3.50 4.74 -15.20
CA VAL A 289 2.87 3.38 -15.10
C VAL A 289 1.60 3.38 -15.96
N ARG A 290 1.51 2.41 -16.87
CA ARG A 290 0.29 2.16 -17.66
C ARG A 290 -0.18 0.74 -17.37
N LEU A 291 -1.36 0.61 -16.76
CA LEU A 291 -1.99 -0.69 -16.41
C LEU A 291 -3.16 -0.92 -17.36
N LEU A 292 -3.02 -1.91 -18.23
CA LEU A 292 -4.07 -2.31 -19.19
C LEU A 292 -4.71 -3.60 -18.66
N ILE A 293 -5.87 -3.46 -18.01
CA ILE A 293 -6.57 -4.58 -17.33
C ILE A 293 -7.70 -5.03 -18.24
N SER A 294 -7.90 -6.33 -18.37
CA SER A 294 -8.99 -6.87 -19.23
C SER A 294 -10.30 -6.71 -18.47
N CYS A 295 -11.40 -6.60 -19.22
CA CYS A 295 -12.76 -6.55 -18.64
C CYS A 295 -13.71 -7.38 -19.49
N TRP A 296 -14.53 -8.18 -18.82
CA TRP A 296 -15.61 -9.01 -19.42
C TRP A 296 -16.66 -9.29 -18.34
N GLY A 297 -17.67 -10.10 -18.66
CA GLY A 297 -18.81 -10.38 -17.78
C GLY A 297 -18.40 -11.12 -16.52
N HIS A 298 -17.22 -11.77 -16.53
CA HIS A 298 -16.71 -12.62 -15.41
C HIS A 298 -15.70 -11.84 -14.55
N SER A 299 -15.39 -10.58 -14.89
CA SER A 299 -14.49 -9.72 -14.10
C SER A 299 -15.01 -9.58 -12.66
N GLU A 300 -14.14 -9.79 -11.68
CA GLU A 300 -14.43 -9.57 -10.24
C GLU A 300 -14.72 -8.08 -10.05
N PRO A 301 -15.97 -7.68 -9.71
CA PRO A 301 -16.34 -6.26 -9.62
C PRO A 301 -15.50 -5.44 -8.62
N SER A 302 -14.94 -6.11 -7.60
CA SER A 302 -14.13 -5.48 -6.53
C SER A 302 -12.85 -4.85 -7.12
N MET A 303 -12.44 -5.25 -8.33
CA MET A 303 -11.25 -4.68 -9.02
C MET A 303 -11.43 -3.18 -9.29
N ARG A 304 -12.66 -2.71 -9.56
CA ARG A 304 -12.86 -1.31 -10.03
C ARG A 304 -12.32 -0.31 -9.01
N ALA A 305 -12.66 -0.46 -7.73
CA ALA A 305 -12.28 0.50 -6.66
C ALA A 305 -10.76 0.55 -6.53
N PHE A 306 -10.07 -0.59 -6.60
CA PHE A 306 -8.59 -0.64 -6.47
C PHE A 306 -7.94 0.02 -7.69
N LEU A 307 -8.53 -0.11 -8.88
CA LEU A 307 -7.99 0.51 -10.12
C LEU A 307 -8.22 2.03 -10.07
N LEU A 308 -9.41 2.48 -9.65
CA LEU A 308 -9.71 3.92 -9.42
C LEU A 308 -8.70 4.48 -8.40
N SER A 309 -8.36 3.70 -7.39
CA SER A 309 -7.41 4.12 -6.33
C SER A 309 -6.03 4.40 -6.95
N LEU A 310 -5.54 3.54 -7.85
CA LEU A 310 -4.24 3.74 -8.53
C LEU A 310 -4.33 4.94 -9.49
N ALA A 311 -5.40 5.01 -10.27
CA ALA A 311 -5.64 6.06 -11.29
C ALA A 311 -5.61 7.46 -10.64
N ALA A 312 -5.96 7.56 -9.35
CA ALA A 312 -5.99 8.82 -8.57
C ALA A 312 -4.58 9.38 -8.38
N LEU A 313 -3.53 8.56 -8.50
CA LEU A 313 -2.12 9.02 -8.39
C LEU A 313 -1.61 9.51 -9.75
N ARG A 314 -2.22 10.57 -10.24
CA ARG A 314 -1.65 11.36 -11.34
C ARG A 314 -1.55 12.81 -10.84
N ASP A 315 -0.33 13.35 -10.82
CA ASP A 315 0.02 14.67 -10.21
C ASP A 315 1.27 15.23 -10.93
N ASN A 316 1.14 16.39 -11.58
CA ASN A 316 2.15 16.97 -12.51
C ASN A 316 3.33 17.54 -11.72
N HIS A 317 3.14 17.86 -10.43
CA HIS A 317 4.16 18.52 -9.57
C HIS A 317 5.11 17.49 -8.97
N THR A 318 4.58 16.35 -8.49
CA THR A 318 5.37 15.23 -7.91
C THR A 318 5.94 14.35 -9.03
N HIS A 319 5.35 14.42 -10.23
CA HIS A 319 5.66 13.58 -11.42
C HIS A 319 5.09 12.17 -11.22
N SER A 320 4.15 12.01 -10.27
CA SER A 320 3.33 10.79 -10.10
C SER A 320 2.42 10.63 -11.32
N ASP A 321 2.46 9.48 -11.99
CA ASP A 321 1.75 9.31 -13.29
C ASP A 321 1.41 7.83 -13.50
N ILE A 322 0.31 7.38 -12.87
CA ILE A 322 -0.30 6.04 -13.11
C ILE A 322 -1.57 6.27 -13.92
N GLN A 323 -1.70 5.54 -15.03
CA GLN A 323 -2.90 5.52 -15.89
C GLN A 323 -3.43 4.09 -15.97
N VAL A 324 -4.75 3.95 -15.98
CA VAL A 324 -5.46 2.65 -16.09
C VAL A 324 -6.43 2.71 -17.27
N LYS A 325 -6.41 1.69 -18.11
CA LYS A 325 -7.46 1.45 -19.13
C LYS A 325 -7.93 0.01 -19.00
N LEU A 326 -9.18 -0.22 -19.40
CA LEU A 326 -9.79 -1.57 -19.52
C LEU A 326 -9.78 -1.97 -20.99
N PHE A 327 -9.23 -3.15 -21.29
CA PHE A 327 -9.22 -3.72 -22.65
C PHE A 327 -10.42 -4.65 -22.75
N VAL A 328 -11.34 -4.36 -23.68
CA VAL A 328 -12.59 -5.15 -23.87
C VAL A 328 -12.59 -5.68 -25.30
N VAL A 329 -12.68 -6.99 -25.44
CA VAL A 329 -12.84 -7.66 -26.75
C VAL A 329 -14.32 -7.60 -27.09
N PRO A 330 -14.72 -6.93 -28.19
CA PRO A 330 -16.12 -6.93 -28.60
C PRO A 330 -16.62 -8.35 -28.90
N ALA A 331 -17.94 -8.52 -28.80
CA ALA A 331 -18.65 -9.80 -29.11
C ALA A 331 -19.87 -9.47 -29.98
N ASP A 332 -20.11 -10.27 -31.01
CA ASP A 332 -21.42 -10.29 -31.71
C ASP A 332 -22.28 -11.39 -31.05
N GLU A 333 -23.53 -11.54 -31.50
CA GLU A 333 -24.51 -12.47 -30.87
C GLU A 333 -23.97 -13.90 -30.87
N ALA A 334 -23.35 -14.36 -31.97
CA ALA A 334 -22.81 -15.73 -32.11
C ALA A 334 -21.67 -15.93 -31.11
N GLN A 335 -20.75 -14.97 -31.05
CA GLN A 335 -19.55 -15.04 -30.16
C GLN A 335 -19.99 -15.02 -28.69
N ALA A 336 -21.05 -14.26 -28.36
CA ALA A 336 -21.59 -14.14 -26.99
C ALA A 336 -22.11 -15.50 -26.49
N ARG A 337 -22.47 -16.42 -27.40
CA ARG A 337 -23.00 -17.76 -27.04
C ARG A 337 -21.86 -18.71 -26.67
N ILE A 338 -20.61 -18.37 -27.01
CA ILE A 338 -19.43 -19.23 -26.73
C ILE A 338 -19.07 -19.05 -25.26
N PRO A 339 -19.06 -20.13 -24.44
CA PRO A 339 -18.73 -19.99 -23.02
C PRO A 339 -17.28 -19.53 -22.84
N TYR A 340 -17.07 -18.60 -21.91
CA TYR A 340 -15.73 -18.14 -21.45
C TYR A 340 -14.85 -17.79 -22.65
N ALA A 341 -15.32 -16.87 -23.48
CA ALA A 341 -14.57 -16.34 -24.64
C ALA A 341 -14.68 -14.81 -24.70
N ARG A 342 -13.99 -14.20 -25.68
CA ARG A 342 -14.01 -12.75 -25.96
C ARG A 342 -13.47 -11.98 -24.75
N VAL A 343 -12.22 -12.26 -24.40
CA VAL A 343 -11.47 -11.54 -23.34
C VAL A 343 -9.99 -11.60 -23.70
N ASN A 344 -9.22 -10.66 -23.16
CA ASN A 344 -7.75 -10.60 -23.34
C ASN A 344 -7.08 -11.29 -22.15
N HIS A 345 -6.41 -12.41 -22.41
CA HIS A 345 -5.75 -13.25 -21.38
C HIS A 345 -4.29 -12.85 -21.14
N ASN A 346 -3.76 -11.83 -21.82
CA ASN A 346 -2.31 -11.48 -21.71
C ASN A 346 -1.92 -11.28 -20.25
N LYS A 347 -0.72 -11.73 -19.89
CA LYS A 347 -0.07 -11.43 -18.59
C LYS A 347 1.39 -11.11 -18.86
N TYR A 348 1.73 -9.83 -19.00
CA TYR A 348 3.13 -9.44 -19.23
C TYR A 348 3.36 -8.01 -18.74
N MET A 349 4.64 -7.68 -18.61
CA MET A 349 5.11 -6.35 -18.17
C MET A 349 6.39 -6.03 -18.94
N VAL A 350 6.49 -4.80 -19.43
CA VAL A 350 7.70 -4.30 -20.12
C VAL A 350 8.04 -2.94 -19.53
N THR A 351 9.33 -2.70 -19.31
CA THR A 351 9.88 -1.41 -18.85
C THR A 351 10.84 -0.93 -19.95
N GLU A 352 11.53 0.18 -19.71
CA GLU A 352 12.56 0.69 -20.66
C GLU A 352 13.74 -0.28 -20.70
N ARG A 353 13.90 -1.18 -19.72
CA ARG A 353 15.12 -2.02 -19.63
C ARG A 353 14.82 -3.53 -19.46
N ALA A 354 13.56 -3.95 -19.28
CA ALA A 354 13.26 -5.36 -18.93
C ALA A 354 11.98 -5.88 -19.58
N THR A 355 11.95 -7.19 -19.81
CA THR A 355 10.82 -7.98 -20.31
C THR A 355 10.42 -8.99 -19.21
N TYR A 356 9.12 -9.04 -18.89
CA TYR A 356 8.50 -10.04 -17.98
C TYR A 356 7.30 -10.65 -18.72
N ILE A 357 7.36 -11.97 -18.97
CA ILE A 357 6.22 -12.69 -19.59
C ILE A 357 5.80 -13.80 -18.64
N GLY A 358 4.53 -13.79 -18.25
CA GLY A 358 4.00 -14.64 -17.17
C GLY A 358 2.81 -15.48 -17.58
N THR A 359 2.45 -16.39 -16.69
CA THR A 359 1.27 -17.29 -16.79
C THR A 359 0.20 -16.86 -15.78
N SER A 360 0.57 -16.03 -14.79
CA SER A 360 -0.31 -15.71 -13.64
C SER A 360 -0.95 -14.33 -13.79
N ASN A 361 -2.19 -14.23 -13.32
CA ASN A 361 -2.87 -12.94 -13.05
C ASN A 361 -2.26 -12.31 -11.80
N TRP A 362 -2.49 -11.01 -11.62
CA TRP A 362 -1.76 -10.20 -10.61
C TRP A 362 -2.65 -10.04 -9.38
N SER A 363 -2.88 -11.16 -8.68
CA SER A 363 -3.53 -11.23 -7.35
C SER A 363 -2.77 -12.24 -6.50
N GLY A 364 -2.95 -12.16 -5.19
CA GLY A 364 -2.02 -12.77 -4.22
C GLY A 364 -1.95 -14.29 -4.32
N ASN A 365 -3.07 -14.97 -4.62
CA ASN A 365 -3.13 -16.46 -4.66
C ASN A 365 -2.09 -16.98 -5.67
N TYR A 366 -1.82 -16.22 -6.74
CA TYR A 366 -0.91 -16.64 -7.83
C TYR A 366 0.56 -16.65 -7.35
N PHE A 367 0.86 -16.03 -6.21
CA PHE A 367 2.24 -15.90 -5.69
C PHE A 367 2.41 -16.65 -4.37
N THR A 368 1.34 -17.21 -3.82
CA THR A 368 1.36 -17.87 -2.49
C THR A 368 0.92 -19.34 -2.59
N GLU A 369 -0.01 -19.67 -3.49
CA GLU A 369 -0.68 -21.01 -3.48
C GLU A 369 -0.67 -21.66 -4.87
N THR A 370 -0.77 -20.86 -5.94
CA THR A 370 -1.03 -21.38 -7.31
C THR A 370 0.27 -21.44 -8.10
N ALA A 371 0.39 -22.43 -8.99
CA ALA A 371 1.58 -22.65 -9.82
C ALA A 371 1.59 -21.61 -10.96
N GLY A 372 2.77 -21.03 -11.19
CA GLY A 372 3.02 -20.12 -12.32
C GLY A 372 4.50 -20.12 -12.68
N THR A 373 4.80 -19.58 -13.85
CA THR A 373 6.19 -19.44 -14.33
C THR A 373 6.27 -18.12 -15.09
N SER A 374 7.42 -17.45 -15.00
CA SER A 374 7.68 -16.21 -15.75
C SER A 374 9.09 -16.27 -16.34
N LEU A 375 9.23 -15.67 -17.52
CA LEU A 375 10.51 -15.48 -18.21
C LEU A 375 10.89 -14.00 -18.05
N LEU A 376 12.09 -13.78 -17.53
CA LEU A 376 12.69 -12.45 -17.29
C LEU A 376 13.87 -12.30 -18.26
N VAL A 377 13.83 -11.29 -19.13
CA VAL A 377 14.96 -11.00 -20.04
C VAL A 377 15.38 -9.53 -19.89
N THR A 378 16.69 -9.30 -19.86
CA THR A 378 17.31 -7.96 -20.08
C THR A 378 18.33 -8.11 -21.20
N GLN A 379 18.48 -7.07 -22.01
CA GLN A 379 19.34 -7.10 -23.22
C GLN A 379 19.71 -5.66 -23.58
N ASN A 380 21.00 -5.34 -23.54
CA ASN A 380 21.52 -4.01 -23.96
C ASN A 380 21.24 -3.84 -25.47
N GLY A 381 20.73 -2.67 -25.86
CA GLY A 381 20.48 -2.29 -27.26
C GLY A 381 19.01 -2.07 -27.55
N ARG A 382 18.70 -1.72 -28.80
CA ARG A 382 17.32 -1.42 -29.30
C ARG A 382 16.84 -2.54 -30.23
N GLY A 383 15.56 -2.49 -30.63
CA GLY A 383 14.98 -3.29 -31.72
C GLY A 383 14.94 -4.79 -31.42
N GLY A 384 14.89 -5.15 -30.13
CA GLY A 384 14.89 -6.55 -29.66
C GLY A 384 13.54 -6.97 -29.10
N LEU A 385 13.52 -8.07 -28.36
CA LEU A 385 12.31 -8.66 -27.72
C LEU A 385 11.56 -7.58 -26.92
N ARG A 386 12.29 -6.80 -26.12
CA ARG A 386 11.71 -5.75 -25.24
C ARG A 386 10.96 -4.73 -26.12
N SER A 387 11.59 -4.23 -27.18
CA SER A 387 10.98 -3.23 -28.11
C SER A 387 9.71 -3.83 -28.74
N GLN A 388 9.74 -5.11 -29.11
CA GLN A 388 8.60 -5.79 -29.79
C GLN A 388 7.42 -5.88 -28.81
N LEU A 389 7.69 -6.22 -27.54
CA LEU A 389 6.61 -6.35 -26.53
C LEU A 389 6.04 -4.94 -26.22
N GLU A 390 6.90 -3.93 -26.15
CA GLU A 390 6.45 -2.53 -25.91
C GLU A 390 5.54 -2.10 -27.06
N ALA A 391 5.90 -2.45 -28.30
CA ALA A 391 5.08 -2.12 -29.50
C ALA A 391 3.71 -2.79 -29.40
N ILE A 392 3.65 -4.05 -28.94
CA ILE A 392 2.35 -4.77 -28.77
C ILE A 392 1.50 -4.03 -27.72
N PHE A 393 2.11 -3.70 -26.58
CA PHE A 393 1.40 -2.98 -25.48
C PHE A 393 0.79 -1.68 -26.02
N LEU A 394 1.59 -0.86 -26.71
CA LEU A 394 1.16 0.48 -27.19
C LEU A 394 0.09 0.31 -28.28
N ARG A 395 0.20 -0.69 -29.16
CA ARG A 395 -0.87 -1.01 -30.13
C ARG A 395 -2.19 -1.22 -29.38
N ASP A 396 -2.19 -2.03 -28.32
CA ASP A 396 -3.43 -2.36 -27.56
C ASP A 396 -3.90 -1.14 -26.78
N TRP A 397 -2.98 -0.44 -26.11
CA TRP A 397 -3.24 0.76 -25.30
C TRP A 397 -3.94 1.82 -26.16
N ASP A 398 -3.44 2.02 -27.38
CA ASP A 398 -3.89 3.11 -28.30
C ASP A 398 -5.13 2.70 -29.10
N SER A 399 -5.49 1.41 -29.06
CA SER A 399 -6.58 0.80 -29.88
C SER A 399 -7.94 1.26 -29.37
N PRO A 400 -9.00 1.17 -30.22
CA PRO A 400 -10.36 1.46 -29.78
C PRO A 400 -10.96 0.46 -28.79
N TYR A 401 -10.23 -0.63 -28.47
CA TYR A 401 -10.67 -1.68 -27.53
C TYR A 401 -10.30 -1.33 -26.08
N SER A 402 -9.45 -0.30 -25.89
CA SER A 402 -8.99 0.18 -24.57
C SER A 402 -9.83 1.39 -24.15
N HIS A 403 -10.29 1.41 -22.89
CA HIS A 403 -11.30 2.36 -22.37
C HIS A 403 -10.86 2.92 -21.02
N ASP A 404 -11.01 4.23 -20.82
CA ASP A 404 -10.81 4.87 -19.50
C ASP A 404 -11.90 4.35 -18.55
N LEU A 405 -11.66 4.44 -17.24
CA LEU A 405 -12.56 3.85 -16.20
C LEU A 405 -13.89 4.61 -16.14
N ASP A 406 -13.96 5.83 -16.69
CA ASP A 406 -15.20 6.66 -16.72
C ASP A 406 -16.04 6.35 -17.96
N THR A 407 -15.66 5.35 -18.77
CA THR A 407 -16.40 4.97 -20.01
C THR A 407 -17.76 4.37 -19.62
N SER A 408 -18.83 4.73 -20.35
CA SER A 408 -20.17 4.13 -20.21
C SER A 408 -20.09 2.64 -20.58
N ALA A 409 -20.52 1.75 -19.69
CA ALA A 409 -20.54 0.29 -19.90
C ALA A 409 -21.31 -0.07 -21.17
N ASP A 410 -22.35 0.70 -21.52
CA ASP A 410 -23.27 0.36 -22.64
CA ASP A 410 -23.28 0.40 -22.65
C ASP A 410 -22.62 0.67 -24.00
N SER A 411 -21.40 1.23 -24.02
CA SER A 411 -20.74 1.71 -25.26
C SER A 411 -19.60 0.80 -25.77
N VAL A 412 -19.15 -0.23 -25.02
CA VAL A 412 -17.83 -0.90 -25.25
C VAL A 412 -17.93 -2.19 -26.09
N GLY A 413 -19.11 -2.73 -26.33
CA GLY A 413 -19.30 -3.80 -27.34
C GLY A 413 -19.23 -5.20 -26.77
N ASN A 414 -19.02 -5.33 -25.46
CA ASN A 414 -19.14 -6.60 -24.69
C ASN A 414 -19.54 -6.23 -23.26
N ALA A 415 -20.05 -7.20 -22.50
CA ALA A 415 -20.33 -7.07 -21.05
C ALA A 415 -19.02 -6.70 -20.34
N CYS A 416 -19.07 -5.75 -19.40
CA CYS A 416 -17.88 -5.32 -18.62
C CYS A 416 -18.30 -4.93 -17.20
N ARG A 417 -17.90 -5.73 -16.21
CA ARG A 417 -18.33 -5.59 -14.79
C ARG A 417 -17.55 -4.46 -14.09
N LEU A 418 -16.55 -3.87 -14.75
CA LEU A 418 -15.63 -2.86 -14.13
C LEU A 418 -15.95 -1.44 -14.61
N LEU A 419 -16.96 -1.26 -15.47
CA LEU A 419 -17.45 0.08 -15.88
C LEU A 419 -18.84 0.29 -15.27
N ALA A 420 -19.18 1.55 -14.96
CA ALA A 420 -20.48 1.97 -14.41
C ALA A 420 -21.42 2.37 -15.55
N ALA A 421 -22.72 2.51 -15.25
CA ALA A 421 -23.81 2.90 -16.18
C ALA A 421 -23.46 4.24 -16.86
N GLN A 422 -22.95 5.20 -16.09
CA GLN A 422 -22.59 6.57 -16.56
C GLN A 422 -21.43 6.48 -17.54
N GLN B 1 3.30 -10.71 36.34
CA GLN B 1 4.44 -9.81 35.94
C GLN B 1 3.90 -8.49 35.36
N ARG B 2 2.59 -8.25 35.44
CA ARG B 2 1.96 -6.94 35.11
C ARG B 2 2.45 -5.90 36.10
N PRO B 3 2.60 -4.62 35.67
CA PRO B 3 3.10 -3.57 36.54
C PRO B 3 2.02 -3.08 37.52
N ALA B 4 2.43 -2.29 38.51
CA ALA B 4 1.56 -1.74 39.58
C ALA B 4 0.46 -0.91 38.93
N PRO B 5 -0.80 -1.02 39.42
CA PRO B 5 -1.84 -0.08 39.03
C PRO B 5 -1.58 1.30 39.67
N CYS B 6 -2.26 2.32 39.16
CA CYS B 6 -2.27 3.69 39.71
C CYS B 6 -3.53 3.85 40.57
N TYR B 7 -3.40 4.43 41.75
CA TYR B 7 -4.50 4.64 42.72
C TYR B 7 -4.97 6.09 42.72
N ASP B 8 -4.45 6.92 41.81
CA ASP B 8 -4.78 8.37 41.74
C ASP B 8 -6.17 8.53 41.11
N PRO B 9 -6.98 9.51 41.58
CA PRO B 9 -8.30 9.77 40.99
C PRO B 9 -8.20 10.57 39.68
N CYS B 10 -7.67 9.93 38.64
CA CYS B 10 -7.40 10.54 37.31
C CYS B 10 -8.71 11.08 36.73
N GLU B 11 -8.69 12.32 36.23
CA GLU B 11 -9.85 12.95 35.54
C GLU B 11 -9.34 13.60 34.24
N ALA B 12 -9.88 13.20 33.10
CA ALA B 12 -9.49 13.73 31.77
C ALA B 12 -10.55 14.74 31.31
N VAL B 13 -10.09 15.85 30.74
CA VAL B 13 -10.93 16.90 30.13
C VAL B 13 -10.37 17.21 28.74
N LEU B 14 -11.18 17.02 27.70
CA LEU B 14 -10.86 17.51 26.34
C LEU B 14 -10.95 19.03 26.33
N VAL B 15 -9.89 19.69 25.85
CA VAL B 15 -9.81 21.18 25.78
C VAL B 15 -9.57 21.56 24.32
N GLU B 16 -10.37 22.51 23.83
CA GLU B 16 -10.27 22.97 22.42
C GLU B 16 -9.95 24.47 22.41
N SER B 17 -9.28 24.89 21.34
CA SER B 17 -9.32 26.28 20.85
C SER B 17 -10.29 26.33 19.67
N ILE B 18 -11.29 27.21 19.72
CA ILE B 18 -12.26 27.45 18.61
C ILE B 18 -11.99 28.87 18.11
N PRO B 19 -11.49 29.01 16.85
CA PRO B 19 -11.12 30.31 16.31
C PRO B 19 -12.31 31.28 16.30
N GLU B 20 -12.03 32.57 16.46
CA GLU B 20 -13.06 33.64 16.41
C GLU B 20 -13.87 33.45 15.13
N GLY B 21 -15.20 33.39 15.24
CA GLY B 21 -16.11 33.32 14.09
C GLY B 21 -16.58 31.91 13.77
N LEU B 22 -15.85 30.88 14.22
CA LEU B 22 -16.20 29.46 13.94
C LEU B 22 -17.31 29.03 14.91
N ASP B 23 -18.54 28.86 14.39
CA ASP B 23 -19.78 28.63 15.18
C ASP B 23 -20.29 27.20 14.97
N PHE B 24 -20.70 26.54 16.06
CA PHE B 24 -21.34 25.19 16.08
C PHE B 24 -22.64 25.27 16.87
N PRO B 25 -23.78 25.61 16.24
CA PRO B 25 -25.03 25.83 16.99
C PRO B 25 -25.50 24.58 17.76
N ASN B 26 -25.71 24.73 19.07
CA ASN B 26 -26.31 23.73 20.00
C ASN B 26 -25.42 22.49 20.09
N ALA B 27 -24.11 22.64 19.98
CA ALA B 27 -23.12 21.54 20.04
C ALA B 27 -22.76 21.23 21.50
N THR B 29 -20.61 22.12 23.83
CA THR B 29 -19.45 22.99 24.14
C THR B 29 -19.26 23.08 25.66
N GLY B 30 -19.34 21.94 26.35
CA GLY B 30 -19.01 21.80 27.78
C GLY B 30 -17.51 21.78 28.00
N ASN B 31 -16.73 21.79 26.90
CA ASN B 31 -15.24 21.76 26.92
C ASN B 31 -14.72 23.14 27.31
N PRO B 32 -14.00 23.27 28.45
CA PRO B 32 -13.24 24.49 28.73
C PRO B 32 -12.23 24.72 27.59
N SER B 33 -11.88 25.97 27.32
CA SER B 33 -10.94 26.35 26.23
C SER B 33 -9.51 25.99 26.64
N THR B 34 -8.61 25.88 25.66
CA THR B 34 -7.15 25.74 25.90
C THR B 34 -6.71 26.86 26.87
N SER B 35 -7.05 28.11 26.57
CA SER B 35 -6.70 29.30 27.40
C SER B 35 -7.16 29.08 28.85
N GLN B 36 -8.44 28.75 29.05
CA GLN B 36 -9.03 28.54 30.40
C GLN B 36 -8.23 27.46 31.13
N ALA B 37 -8.03 26.30 30.49
CA ALA B 37 -7.37 25.14 31.11
C ALA B 37 -5.93 25.51 31.50
N TRP B 38 -5.21 26.19 30.59
CA TRP B 38 -3.80 26.60 30.83
C TRP B 38 -3.73 27.58 32.00
N LEU B 39 -4.59 28.59 32.03
CA LEU B 39 -4.59 29.58 33.16
C LEU B 39 -4.89 28.85 34.47
N GLY B 40 -5.82 27.90 34.47
CA GLY B 40 -6.14 27.05 35.64
C GLY B 40 -4.91 26.31 36.14
N LEU B 41 -4.20 25.65 35.23
CA LEU B 41 -2.97 24.88 35.57
C LEU B 41 -1.91 25.82 36.18
N LEU B 42 -1.71 27.00 35.58
CA LEU B 42 -0.69 27.98 36.04
C LEU B 42 -1.06 28.49 37.44
N ALA B 43 -2.35 28.74 37.70
CA ALA B 43 -2.85 29.30 38.98
C ALA B 43 -2.67 28.28 40.10
N GLY B 44 -2.76 26.98 39.78
CA GLY B 44 -2.68 25.86 40.73
C GLY B 44 -1.26 25.38 40.98
N ALA B 45 -0.31 25.73 40.10
CA ALA B 45 1.09 25.24 40.12
C ALA B 45 1.81 25.71 41.39
N HIS B 46 2.36 24.78 42.17
CA HIS B 46 3.01 25.05 43.49
CA HIS B 46 3.02 25.09 43.47
C HIS B 46 4.48 24.61 43.48
N SER B 47 4.85 23.59 42.71
CA SER B 47 6.19 22.96 42.79
C SER B 47 6.94 22.95 41.45
N SER B 48 6.32 22.53 40.35
CA SER B 48 7.06 22.28 39.09
C SER B 48 6.17 22.49 37.85
N LEU B 49 6.80 22.97 36.78
CA LEU B 49 6.19 23.06 35.43
C LEU B 49 7.25 22.65 34.42
N ASP B 50 7.00 21.56 33.71
CA ASP B 50 7.81 21.10 32.55
C ASP B 50 6.98 21.38 31.30
N ILE B 51 7.55 22.10 30.33
CA ILE B 51 6.90 22.33 29.01
C ILE B 51 7.84 21.83 27.91
N ALA B 52 7.34 20.88 27.10
CA ALA B 52 7.91 20.51 25.79
C ALA B 52 7.22 21.39 24.75
N SER B 53 8.00 22.09 23.93
CA SER B 53 7.46 23.12 23.01
C SER B 53 8.24 23.14 21.70
N PHE B 54 7.54 23.51 20.63
CA PHE B 54 8.07 23.66 19.25
C PHE B 54 8.58 25.10 19.06
N TYR B 55 7.81 26.09 19.51
CA TYR B 55 8.17 27.53 19.40
C TYR B 55 7.28 28.35 20.33
N TRP B 56 7.71 29.59 20.58
CA TRP B 56 7.04 30.57 21.46
C TRP B 56 6.75 31.86 20.69
N THR B 57 5.47 32.16 20.47
CA THR B 57 4.99 33.47 19.99
C THR B 57 3.72 33.85 20.75
N LEU B 58 3.83 34.17 22.04
CA LEU B 58 2.66 34.45 22.92
C LEU B 58 2.19 35.92 22.81
N THR B 59 2.92 36.79 22.10
CA THR B 59 2.62 38.25 22.05
C THR B 59 2.46 38.77 20.62
N ASN B 60 1.80 39.92 20.50
CA ASN B 60 1.63 40.66 19.23
C ASN B 60 3.01 41.01 18.67
N ASN B 61 3.94 41.43 19.53
CA ASN B 61 5.29 41.87 19.11
C ASN B 61 6.01 40.70 18.44
N ASP B 62 5.83 39.48 18.95
CA ASP B 62 6.49 38.25 18.43
C ASP B 62 6.07 38.01 16.98
N THR B 63 4.82 38.34 16.63
CA THR B 63 4.21 38.05 15.31
C THR B 63 4.12 39.33 14.45
N HIS B 64 4.59 40.47 14.96
CA HIS B 64 4.57 41.77 14.25
C HIS B 64 3.13 42.12 13.88
N THR B 65 2.20 41.88 14.81
CA THR B 65 0.74 42.12 14.62
C THR B 65 0.25 43.14 15.65
N GLN B 66 -1.00 43.60 15.47
CA GLN B 66 -1.73 44.49 16.40
C GLN B 66 -3.17 43.95 16.54
N GLU B 67 -3.29 42.69 16.97
CA GLU B 67 -4.58 41.96 17.08
C GLU B 67 -5.04 41.94 18.52
N PRO B 68 -6.26 42.44 18.85
CA PRO B 68 -6.82 42.28 20.19
C PRO B 68 -6.90 40.81 20.64
N SER B 69 -7.05 39.87 19.69
CA SER B 69 -7.21 38.42 19.96
C SER B 69 -5.89 37.79 20.45
N ALA B 70 -4.79 38.55 20.52
CA ALA B 70 -3.50 38.08 21.09
C ALA B 70 -3.50 38.22 22.62
N GLN B 71 -4.50 38.88 23.19
CA GLN B 71 -4.56 39.20 24.64
C GLN B 71 -4.48 37.89 25.46
N GLN B 72 -5.16 36.82 25.04
CA GLN B 72 -5.16 35.54 25.82
C GLN B 72 -3.73 34.98 25.91
N GLY B 73 -3.00 34.97 24.80
CA GLY B 73 -1.59 34.53 24.78
C GLY B 73 -0.72 35.38 25.69
N GLU B 74 -0.89 36.70 25.62
CA GLU B 74 -0.11 37.68 26.42
C GLU B 74 -0.37 37.45 27.91
N GLU B 75 -1.60 37.08 28.29
CA GLU B 75 -1.97 36.79 29.70
C GLU B 75 -1.31 35.48 30.14
N VAL B 76 -1.25 34.47 29.27
CA VAL B 76 -0.54 33.20 29.58
C VAL B 76 0.93 33.52 29.84
N LEU B 77 1.58 34.34 29.01
CA LEU B 77 3.02 34.67 29.22
C LEU B 77 3.19 35.39 30.56
N ARG B 78 2.30 36.34 30.87
CA ARG B 78 2.35 37.12 32.14
C ARG B 78 2.24 36.17 33.33
N GLN B 79 1.33 35.19 33.27
CA GLN B 79 1.11 34.23 34.40
C GLN B 79 2.31 33.28 34.48
N LEU B 80 2.87 32.85 33.35
CA LEU B 80 4.10 32.01 33.34
C LEU B 80 5.23 32.74 34.09
N GLN B 81 5.37 34.06 33.90
CA GLN B 81 6.43 34.89 34.52
C GLN B 81 6.30 34.92 36.04
N THR B 82 5.13 34.58 36.60
CA THR B 82 4.87 34.64 38.07
C THR B 82 5.38 33.38 38.77
N LEU B 83 5.62 32.28 38.04
CA LEU B 83 5.82 30.93 38.63
C LEU B 83 7.18 30.83 39.34
N ALA B 84 8.29 31.11 38.64
CA ALA B 84 9.65 30.92 39.18
C ALA B 84 9.83 31.79 40.43
N PRO B 85 9.45 33.09 40.41
CA PRO B 85 9.49 33.93 41.62
C PRO B 85 8.68 33.40 42.82
N LYS B 86 7.64 32.60 42.57
CA LYS B 86 6.78 31.97 43.61
C LYS B 86 7.43 30.70 44.16
N GLY B 87 8.52 30.23 43.53
CA GLY B 87 9.28 29.04 43.95
C GLY B 87 8.99 27.82 43.08
N VAL B 88 8.20 27.98 42.02
CA VAL B 88 7.91 26.87 41.05
C VAL B 88 9.17 26.64 40.22
N ASN B 89 9.63 25.39 40.16
CA ASN B 89 10.72 24.95 39.26
C ASN B 89 10.15 24.85 37.84
N VAL B 90 10.48 25.82 36.99
CA VAL B 90 10.00 25.88 35.58
C VAL B 90 11.13 25.43 34.64
N ARG B 91 10.87 24.38 33.85
CA ARG B 91 11.83 23.83 32.87
C ARG B 91 11.15 23.80 31.51
N ILE B 92 11.73 24.51 30.53
CA ILE B 92 11.16 24.63 29.17
C ILE B 92 12.16 24.06 28.17
N ALA B 93 11.78 22.97 27.51
CA ALA B 93 12.51 22.42 26.35
C ALA B 93 11.86 22.99 25.09
N VAL B 94 12.66 23.57 24.20
CA VAL B 94 12.15 24.20 22.95
C VAL B 94 12.99 23.72 21.77
N SER B 95 12.34 23.45 20.64
CA SER B 95 13.01 23.11 19.37
C SER B 95 13.97 24.24 18.99
N LYS B 96 15.20 23.90 18.60
CA LYS B 96 16.13 24.89 18.00
C LYS B 96 15.53 25.41 16.69
N PRO B 97 15.39 26.74 16.50
CA PRO B 97 14.90 27.28 15.24
C PRO B 97 15.81 26.95 14.04
N SER B 98 15.24 26.94 12.83
CA SER B 98 15.94 26.62 11.56
C SER B 98 17.00 27.69 11.27
N GLY B 99 16.69 28.95 11.53
CA GLY B 99 17.60 30.11 11.35
C GLY B 99 17.63 30.99 12.59
N PRO B 100 18.42 32.09 12.58
CA PRO B 100 18.47 33.01 13.72
C PRO B 100 17.14 33.75 13.89
N GLN B 101 16.53 33.62 15.07
CA GLN B 101 15.23 34.27 15.42
C GLN B 101 15.34 34.91 16.80
N PRO B 102 14.64 36.04 17.06
CA PRO B 102 14.55 36.59 18.40
C PRO B 102 13.66 35.67 19.26
N GLN B 103 13.96 35.56 20.55
CA GLN B 103 13.24 34.68 21.51
C GLN B 103 12.79 35.52 22.70
N ALA B 104 11.87 36.47 22.47
CA ALA B 104 11.41 37.45 23.48
C ALA B 104 10.74 36.74 24.65
N ASP B 105 9.83 35.80 24.37
CA ASP B 105 9.08 35.08 25.44
C ASP B 105 10.06 34.34 26.35
N LEU B 106 10.98 33.57 25.76
CA LEU B 106 11.95 32.72 26.52
C LEU B 106 12.95 33.62 27.27
N GLN B 107 13.34 34.75 26.68
CA GLN B 107 14.23 35.74 27.35
C GLN B 107 13.51 36.27 28.61
N ALA B 108 12.21 36.59 28.49
CA ALA B 108 11.37 37.06 29.61
C ALA B 108 11.26 35.96 30.68
N LEU B 109 11.07 34.70 30.27
CA LEU B 109 10.91 33.59 31.24
C LEU B 109 12.25 33.30 31.94
N LEU B 110 13.37 33.37 31.21
CA LEU B 110 14.73 33.24 31.80
C LEU B 110 14.93 34.34 32.86
N GLN B 111 14.49 35.57 32.56
CA GLN B 111 14.64 36.74 33.46
C GLN B 111 13.84 36.49 34.75
N SER B 112 12.71 35.76 34.65
CA SER B 112 11.80 35.46 35.78
C SER B 112 12.38 34.34 36.66
N GLY B 113 13.36 33.58 36.17
CA GLY B 113 14.03 32.49 36.91
C GLY B 113 13.67 31.11 36.38
N ALA B 114 12.92 31.02 35.28
CA ALA B 114 12.64 29.74 34.59
C ALA B 114 13.94 29.22 33.96
N GLN B 115 14.06 27.91 33.78
CA GLN B 115 15.18 27.28 33.02
C GLN B 115 14.69 26.99 31.60
N VAL B 116 15.52 27.28 30.60
CA VAL B 116 15.22 27.10 29.16
C VAL B 116 16.38 26.34 28.51
N ARG B 117 16.09 25.26 27.80
CA ARG B 117 17.08 24.56 26.96
C ARG B 117 16.52 24.42 25.54
N MET B 118 17.33 24.79 24.56
CA MET B 118 17.04 24.57 23.12
C MET B 118 17.57 23.18 22.76
N VAL B 119 16.73 22.35 22.13
CA VAL B 119 17.10 20.97 21.71
C VAL B 119 17.36 21.00 20.19
N ASP B 120 18.59 20.66 19.79
CA ASP B 120 19.02 20.65 18.37
C ASP B 120 18.66 19.28 17.76
N MET B 121 17.37 19.02 17.52
CA MET B 121 16.90 17.75 16.93
C MET B 121 17.40 17.63 15.47
N GLN B 122 17.67 18.74 14.78
CA GLN B 122 18.22 18.68 13.40
C GLN B 122 19.57 17.96 13.41
N LYS B 123 20.44 18.32 14.35
CA LYS B 123 21.76 17.66 14.54
C LYS B 123 21.54 16.20 14.99
N LEU B 124 20.68 15.98 15.98
CA LEU B 124 20.58 14.67 16.68
C LEU B 124 19.89 13.63 15.79
N THR B 125 18.80 14.00 15.11
CA THR B 125 17.94 13.04 14.38
C THR B 125 17.50 13.54 12.99
N HIS B 126 17.91 14.74 12.57
CA HIS B 126 17.45 15.41 11.32
C HIS B 126 15.95 15.70 11.41
N GLY B 127 15.44 15.93 12.62
CA GLY B 127 14.04 16.32 12.84
C GLY B 127 13.94 17.59 13.65
N VAL B 128 12.78 17.82 14.26
CA VAL B 128 12.51 18.99 15.13
C VAL B 128 11.83 18.50 16.41
N LEU B 129 11.87 19.30 17.48
CA LEU B 129 11.14 18.99 18.74
C LEU B 129 9.71 19.53 18.56
N HIS B 130 8.83 18.71 17.98
CA HIS B 130 7.47 19.15 17.57
C HIS B 130 6.48 18.99 18.74
N THR B 131 6.84 18.19 19.73
CA THR B 131 5.97 17.82 20.88
C THR B 131 5.45 19.08 21.58
N LYS B 132 4.18 19.01 21.98
CA LYS B 132 3.52 20.02 22.85
C LYS B 132 2.91 19.30 24.05
N PHE B 133 3.50 19.48 25.23
CA PHE B 133 2.89 19.04 26.50
C PHE B 133 3.41 19.89 27.65
N TRP B 134 2.59 19.94 28.68
CA TRP B 134 2.88 20.53 30.01
C TRP B 134 2.79 19.42 31.05
N VAL B 135 3.71 19.38 32.02
CA VAL B 135 3.53 18.54 33.23
C VAL B 135 3.59 19.47 34.44
N VAL B 136 2.53 19.48 35.24
CA VAL B 136 2.34 20.44 36.36
C VAL B 136 2.39 19.67 37.68
N ASP B 137 3.38 20.00 38.53
CA ASP B 137 3.49 19.46 39.92
C ASP B 137 3.53 17.93 39.90
N GLN B 138 4.06 17.32 38.82
CA GLN B 138 4.14 15.85 38.65
C GLN B 138 2.78 15.21 38.95
N THR B 139 1.69 15.89 38.60
CA THR B 139 0.31 15.51 39.01
C THR B 139 -0.65 15.63 37.83
N HIS B 140 -0.60 16.75 37.11
CA HIS B 140 -1.49 17.02 35.94
C HIS B 140 -0.63 17.15 34.68
N PHE B 141 -1.22 16.93 33.52
CA PHE B 141 -0.55 17.26 32.24
C PHE B 141 -1.55 17.71 31.18
N TYR B 142 -1.06 18.56 30.29
CA TYR B 142 -1.72 18.89 29.01
C TYR B 142 -0.94 18.20 27.90
N LEU B 143 -1.63 17.52 26.99
CA LEU B 143 -1.04 16.95 25.76
C LEU B 143 -1.98 17.30 24.61
N GLY B 144 -1.48 17.83 23.51
CA GLY B 144 -2.34 18.16 22.35
C GLY B 144 -1.64 18.99 21.31
N SER B 145 -2.43 19.68 20.48
CA SER B 145 -1.95 20.31 19.22
C SER B 145 -1.47 21.74 19.47
N ALA B 146 -1.88 22.38 20.57
CA ALA B 146 -1.68 23.83 20.81
C ALA B 146 -0.21 24.10 21.12
N ASN B 147 0.40 24.99 20.32
CA ASN B 147 1.76 25.55 20.55
C ASN B 147 1.70 26.70 21.56
N MET B 148 2.85 27.12 22.05
CA MET B 148 2.98 28.29 22.95
C MET B 148 2.89 29.55 22.07
N ASP B 149 1.68 29.80 21.56
CA ASP B 149 1.40 30.75 20.47
C ASP B 149 0.06 31.41 20.77
N TRP B 150 -0.01 32.74 20.83
CA TRP B 150 -1.32 33.41 21.08
C TRP B 150 -2.34 32.95 20.02
N ARG B 151 -1.88 32.68 18.80
CA ARG B 151 -2.77 32.23 17.70
C ARG B 151 -3.40 30.87 18.04
N SER B 152 -2.71 30.02 18.81
CA SER B 152 -3.21 28.70 19.26
C SER B 152 -4.43 28.84 20.16
N LEU B 153 -4.71 30.04 20.70
CA LEU B 153 -5.81 30.23 21.66
C LEU B 153 -7.04 30.78 20.95
N THR B 154 -6.85 31.68 19.98
CA THR B 154 -7.96 32.50 19.42
C THR B 154 -8.11 32.39 17.89
N GLN B 155 -7.09 31.99 17.15
CA GLN B 155 -7.11 32.13 15.65
C GLN B 155 -6.89 30.80 14.94
N VAL B 156 -6.65 29.71 15.65
CA VAL B 156 -6.54 28.36 15.05
C VAL B 156 -7.32 27.39 15.92
N LYS B 157 -7.80 26.31 15.32
CA LYS B 157 -8.55 25.27 16.06
C LYS B 157 -7.53 24.26 16.60
N GLU B 158 -7.69 23.89 17.86
CA GLU B 158 -6.76 23.01 18.60
C GLU B 158 -7.59 21.95 19.34
N LEU B 159 -6.99 20.79 19.54
CA LEU B 159 -7.56 19.69 20.37
C LEU B 159 -6.43 19.17 21.26
N GLY B 160 -6.70 19.14 22.56
CA GLY B 160 -5.78 18.52 23.53
C GLY B 160 -6.57 17.89 24.64
N VAL B 161 -5.87 17.29 25.57
CA VAL B 161 -6.49 16.72 26.81
C VAL B 161 -5.70 17.25 28.00
N VAL B 162 -6.40 17.59 29.07
CA VAL B 162 -5.75 17.79 30.38
C VAL B 162 -6.13 16.59 31.25
N MET B 163 -5.11 15.86 31.71
CA MET B 163 -5.27 14.78 32.72
C MET B 163 -4.93 15.40 34.07
N TYR B 164 -5.91 15.46 34.97
CA TYR B 164 -5.80 16.01 36.34
C TYR B 164 -5.64 14.87 37.35
N ASN B 165 -4.90 15.10 38.42
CA ASN B 165 -4.87 14.22 39.62
C ASN B 165 -4.46 12.80 39.20
N CYS B 166 -3.43 12.70 38.37
CA CYS B 166 -2.97 11.41 37.77
C CYS B 166 -1.44 11.34 37.84
N SER B 167 -0.88 11.35 39.05
CA SER B 167 0.58 11.52 39.29
C SER B 167 1.37 10.39 38.61
N CYS B 168 0.87 9.15 38.62
CA CYS B 168 1.56 7.99 38.00
CA CYS B 168 1.56 7.99 38.00
C CYS B 168 1.85 8.29 36.52
N LEU B 169 0.84 8.75 35.79
CA LEU B 169 0.94 9.00 34.34
C LEU B 169 1.70 10.31 34.10
N ALA B 170 1.53 11.31 34.96
CA ALA B 170 2.30 12.58 34.91
C ALA B 170 3.80 12.27 35.05
N ARG B 171 4.18 11.44 36.03
CA ARG B 171 5.60 11.04 36.23
C ARG B 171 6.08 10.25 34.99
N ASP B 172 5.21 9.44 34.39
CA ASP B 172 5.54 8.66 33.18
C ASP B 172 5.83 9.63 32.02
N LEU B 173 5.03 10.69 31.86
CA LEU B 173 5.24 11.71 30.81
C LEU B 173 6.55 12.46 31.07
N THR B 174 6.89 12.69 32.33
CA THR B 174 8.12 13.41 32.72
C THR B 174 9.33 12.65 32.19
N LYS B 175 9.27 11.32 32.09
CA LYS B 175 10.41 10.51 31.57
C LYS B 175 10.68 10.88 30.11
N ILE B 176 9.63 11.16 29.35
CA ILE B 176 9.77 11.65 27.94
C ILE B 176 10.40 13.04 27.98
N PHE B 177 9.90 13.93 28.84
CA PHE B 177 10.45 15.29 29.00
C PHE B 177 11.94 15.22 29.34
N GLU B 178 12.32 14.31 30.23
CA GLU B 178 13.72 14.22 30.74
CA GLU B 178 13.72 14.21 30.75
C GLU B 178 14.67 13.93 29.58
N ALA B 179 14.21 13.19 28.57
CA ALA B 179 15.04 12.92 27.36
C ALA B 179 15.31 14.25 26.64
N TYR B 180 14.27 15.05 26.39
CA TYR B 180 14.43 16.40 25.77
C TYR B 180 15.38 17.25 26.62
N TRP B 181 15.16 17.24 27.94
CA TRP B 181 15.87 18.10 28.91
C TRP B 181 17.37 17.75 28.90
N PHE B 182 17.69 16.46 28.84
CA PHE B 182 19.08 15.96 28.73
C PHE B 182 19.68 16.44 27.39
N LEU B 183 18.96 16.25 26.28
CA LEU B 183 19.51 16.52 24.92
C LEU B 183 19.68 18.04 24.68
N GLY B 184 18.99 18.87 25.46
CA GLY B 184 19.08 20.35 25.38
C GLY B 184 20.35 20.89 26.02
N GLN B 185 21.18 20.04 26.60
CA GLN B 185 22.47 20.43 27.25
C GLN B 185 23.58 20.41 26.21
N ALA B 186 24.45 21.42 26.25
CA ALA B 186 25.64 21.53 25.38
C ALA B 186 26.43 20.21 25.45
N GLY B 187 26.85 19.69 24.30
CA GLY B 187 27.70 18.49 24.20
C GLY B 187 26.90 17.20 24.29
N SER B 188 25.57 17.28 24.33
CA SER B 188 24.69 16.09 24.41
C SER B 188 24.81 15.27 23.11
N SER B 189 24.58 13.96 23.23
CA SER B 189 24.41 13.01 22.11
C SER B 189 23.41 11.95 22.53
N ILE B 190 22.77 11.30 21.55
CA ILE B 190 21.87 10.14 21.82
C ILE B 190 22.73 9.05 22.45
N PRO B 191 22.46 8.62 23.70
CA PRO B 191 23.18 7.51 24.30
C PRO B 191 22.84 6.21 23.55
N SER B 192 23.83 5.32 23.37
CA SER B 192 23.67 3.99 22.72
C SER B 192 22.57 3.21 23.44
N THR B 193 22.54 3.30 24.77
CA THR B 193 21.44 2.82 25.64
C THR B 193 21.06 3.91 26.64
N TRP B 194 19.79 4.33 26.64
CA TRP B 194 19.24 5.25 27.66
C TRP B 194 19.35 4.59 29.03
N PRO B 195 19.85 5.33 30.06
CA PRO B 195 19.81 4.88 31.44
C PRO B 195 18.43 4.38 31.90
N ARG B 196 18.42 3.48 32.89
CA ARG B 196 17.21 2.77 33.37
C ARG B 196 16.15 3.77 33.85
N PHE B 197 16.53 4.94 34.37
CA PHE B 197 15.54 5.90 34.95
C PHE B 197 14.63 6.46 33.85
N TYR B 198 15.01 6.35 32.57
CA TYR B 198 14.17 6.76 31.41
C TYR B 198 13.15 5.68 31.07
N ASP B 199 13.39 4.43 31.51
CA ASP B 199 12.58 3.26 31.08
C ASP B 199 11.17 3.37 31.68
N THR B 200 10.18 2.75 31.03
CA THR B 200 8.80 2.68 31.55
C THR B 200 8.32 1.23 31.51
N ARG B 201 7.48 0.90 32.49
CA ARG B 201 6.76 -0.39 32.58
C ARG B 201 5.42 -0.30 31.83
N TYR B 202 5.01 0.90 31.41
CA TYR B 202 3.62 1.18 30.94
C TYR B 202 3.65 1.44 29.43
N ASN B 203 3.03 0.52 28.68
CA ASN B 203 3.19 0.44 27.21
C ASN B 203 2.05 -0.37 26.62
N GLN B 204 2.08 -0.57 25.31
CA GLN B 204 1.02 -1.28 24.57
C GLN B 204 0.78 -2.66 25.17
N GLU B 205 1.83 -3.40 25.56
CA GLU B 205 1.69 -4.78 26.06
C GLU B 205 1.10 -4.76 27.48
N THR B 206 1.53 -3.81 28.32
CA THR B 206 1.05 -3.66 29.71
C THR B 206 0.76 -2.19 29.95
N PRO B 207 -0.42 -1.67 29.55
CA PRO B 207 -0.77 -0.30 29.88
C PRO B 207 -0.99 -0.09 31.38
N MET B 208 -0.98 1.17 31.78
CA MET B 208 -1.25 1.56 33.18
C MET B 208 -2.74 1.39 33.45
N GLU B 209 -3.06 0.61 34.49
CA GLU B 209 -4.41 0.53 35.07
C GLU B 209 -4.64 1.80 35.90
N ILE B 210 -5.53 2.66 35.42
CA ILE B 210 -5.91 3.92 36.11
C ILE B 210 -7.41 3.89 36.41
N CYS B 211 -7.83 4.68 37.39
CA CYS B 211 -9.24 5.01 37.66
C CYS B 211 -9.52 6.34 36.97
N LEU B 212 -10.18 6.30 35.81
CA LEU B 212 -10.41 7.50 34.97
C LEU B 212 -11.87 7.91 35.09
N ASN B 213 -12.13 9.05 35.74
CA ASN B 213 -13.49 9.55 36.01
C ASN B 213 -14.32 8.47 36.69
N GLY B 214 -13.73 7.74 37.64
CA GLY B 214 -14.43 6.85 38.57
C GLY B 214 -14.58 5.42 38.07
N THR B 215 -14.10 5.09 36.86
CA THR B 215 -14.15 3.70 36.32
C THR B 215 -12.78 3.28 35.77
N PRO B 216 -12.48 1.96 35.78
CA PRO B 216 -11.20 1.47 35.29
C PRO B 216 -10.96 1.81 33.82
N ALA B 217 -9.71 2.15 33.50
CA ALA B 217 -9.23 2.40 32.12
C ALA B 217 -7.80 1.89 32.02
N LEU B 218 -7.34 1.70 30.79
CA LEU B 218 -5.93 1.39 30.46
C LEU B 218 -5.37 2.57 29.66
N ALA B 219 -4.26 3.14 30.11
CA ALA B 219 -3.63 4.32 29.51
C ALA B 219 -2.14 4.08 29.36
N TYR B 220 -1.56 4.52 28.24
CA TYR B 220 -0.09 4.63 28.10
C TYR B 220 0.25 5.79 27.19
N LEU B 221 1.51 6.19 27.28
CA LEU B 221 2.08 7.30 26.47
C LEU B 221 3.13 6.71 25.54
N ALA B 222 2.97 7.00 24.24
CA ALA B 222 3.90 6.56 23.17
C ALA B 222 4.72 7.78 22.77
N SER B 223 5.92 7.56 22.22
CA SER B 223 6.81 8.69 21.90
CA SER B 223 6.96 8.58 22.01
C SER B 223 7.59 8.40 20.62
N ALA B 224 8.05 9.47 20.01
CA ALA B 224 8.86 9.49 18.77
C ALA B 224 9.97 10.51 18.97
N PRO B 225 11.08 10.43 18.22
CA PRO B 225 11.34 9.36 17.26
C PRO B 225 12.08 8.17 17.87
N PRO B 226 12.30 7.08 17.12
CA PRO B 226 12.95 5.87 17.66
C PRO B 226 14.25 6.09 18.45
N PRO B 227 15.21 6.93 18.01
CA PRO B 227 16.44 7.16 18.79
C PRO B 227 16.21 7.66 20.23
N LEU B 228 15.05 8.26 20.53
CA LEU B 228 14.74 8.79 21.88
C LEU B 228 13.95 7.78 22.73
N PRO B 230 13.54 4.75 25.07
CA PRO B 230 14.24 3.85 25.98
C PRO B 230 13.48 2.53 26.07
N SER B 231 14.06 1.57 26.80
CA SER B 231 13.42 0.24 27.03
CA SER B 231 13.44 0.23 27.04
C SER B 231 12.03 0.44 27.64
N GLY B 232 11.04 -0.26 27.10
CA GLY B 232 9.67 -0.29 27.62
C GLY B 232 8.76 0.74 26.97
N ARG B 233 9.31 1.76 26.29
CA ARG B 233 8.47 2.86 25.72
C ARG B 233 7.98 2.47 24.32
N THR B 234 6.66 2.39 24.15
CA THR B 234 6.03 2.09 22.85
C THR B 234 6.29 3.25 21.88
N PRO B 235 6.82 2.97 20.66
CA PRO B 235 6.88 3.99 19.62
C PRO B 235 5.49 4.50 19.21
N ASP B 236 5.40 5.80 18.95
CA ASP B 236 4.13 6.45 18.51
C ASP B 236 3.54 5.65 17.33
N LEU B 237 4.35 5.31 16.32
CA LEU B 237 3.81 4.66 15.09
C LEU B 237 3.15 3.32 15.48
N LYS B 238 3.82 2.52 16.30
CA LYS B 238 3.30 1.19 16.73
C LYS B 238 1.97 1.40 17.48
N ALA B 239 1.90 2.42 18.35
CA ALA B 239 0.68 2.71 19.15
C ALA B 239 -0.50 3.04 18.20
N LEU B 240 -0.22 3.91 17.25
CA LEU B 240 -1.20 4.42 16.26
C LEU B 240 -1.70 3.24 15.41
N LEU B 241 -0.78 2.44 14.89
CA LEU B 241 -1.12 1.31 13.98
C LEU B 241 -1.88 0.23 14.78
N ASN B 242 -1.58 0.07 16.08
CA ASN B 242 -2.29 -0.91 16.94
C ASN B 242 -3.78 -0.52 17.03
N VAL B 243 -4.07 0.77 17.20
CA VAL B 243 -5.47 1.27 17.31
C VAL B 243 -6.18 1.02 15.97
N VAL B 244 -5.52 1.31 14.86
CA VAL B 244 -6.05 1.08 13.48
C VAL B 244 -6.33 -0.42 13.32
N ASP B 245 -5.34 -1.26 13.68
CA ASP B 245 -5.39 -2.72 13.45
C ASP B 245 -6.46 -3.37 14.34
N ASN B 246 -6.77 -2.79 15.50
CA ASN B 246 -7.73 -3.37 16.48
C ASN B 246 -9.16 -2.89 16.22
N ALA B 247 -9.36 -1.85 15.41
CA ALA B 247 -10.70 -1.31 15.10
C ALA B 247 -11.56 -2.39 14.41
N ARG B 248 -12.82 -2.52 14.81
CA ARG B 248 -13.75 -3.51 14.20
C ARG B 248 -15.00 -2.83 13.64
N SER B 249 -15.22 -1.54 13.92
CA SER B 249 -16.45 -0.81 13.51
CA SER B 249 -16.45 -0.82 13.50
C SER B 249 -16.09 0.45 12.72
N PHE B 250 -15.36 1.38 13.34
CA PHE B 250 -15.00 2.66 12.67
C PHE B 250 -13.65 3.17 13.16
N ILE B 251 -13.00 3.91 12.26
CA ILE B 251 -11.80 4.73 12.55
C ILE B 251 -12.07 6.15 12.07
N TYR B 252 -12.14 7.08 13.02
CA TYR B 252 -12.32 8.54 12.76
C TYR B 252 -11.00 9.22 13.08
N VAL B 253 -10.40 9.84 12.07
CA VAL B 253 -9.10 10.56 12.18
C VAL B 253 -9.33 12.01 11.80
N ALA B 254 -9.02 12.94 12.71
CA ALA B 254 -8.91 14.37 12.41
C ALA B 254 -7.44 14.75 12.58
N VAL B 255 -6.78 15.06 11.48
CA VAL B 255 -5.33 15.41 11.50
C VAL B 255 -5.09 16.54 10.51
N MET B 256 -4.28 17.50 10.89
CA MET B 256 -4.06 18.71 10.06
C MET B 256 -3.48 18.33 8.69
N ASN B 257 -2.46 17.47 8.66
CA ASN B 257 -1.77 16.99 7.45
C ASN B 257 -1.69 15.46 7.47
N TYR B 258 -1.98 14.84 6.33
CA TYR B 258 -1.84 13.39 6.09
C TYR B 258 -1.10 13.22 4.77
N LEU B 259 0.05 12.57 4.80
CA LEU B 259 0.89 12.38 3.60
C LEU B 259 1.67 11.08 3.75
N PRO B 260 1.39 10.05 2.94
CA PRO B 260 2.08 8.75 3.06
C PRO B 260 3.47 8.80 2.41
N THR B 261 4.33 9.68 2.93
CA THR B 261 5.67 9.99 2.37
C THR B 261 6.60 10.40 3.51
N LEU B 262 7.91 10.44 3.23
CA LEU B 262 8.90 11.13 4.10
C LEU B 262 9.13 12.53 3.50
N GLU B 263 8.37 13.53 3.98
CA GLU B 263 8.16 14.86 3.33
C GLU B 263 9.50 15.60 3.23
N PHE B 264 9.73 16.28 2.10
CA PHE B 264 10.92 17.12 1.78
C PHE B 264 12.16 16.26 1.55
N SER B 265 12.01 14.94 1.46
CA SER B 265 13.11 13.98 1.16
C SER B 265 13.49 14.11 -0.31
N HIS B 266 14.80 14.07 -0.60
CA HIS B 266 15.39 14.13 -1.97
C HIS B 266 16.46 13.04 -2.09
N PRO B 267 16.20 11.92 -2.81
CA PRO B 267 14.95 11.71 -3.55
C PRO B 267 13.71 11.48 -2.69
N HIS B 268 12.53 11.72 -3.28
CA HIS B 268 11.19 11.51 -2.66
C HIS B 268 11.10 10.07 -2.14
N ARG B 269 10.47 9.84 -0.99
CA ARG B 269 10.36 8.49 -0.37
C ARG B 269 8.90 8.20 0.01
N PHE B 270 8.37 7.09 -0.53
CA PHE B 270 6.99 6.61 -0.28
C PHE B 270 6.96 5.94 1.11
N TRP B 271 5.93 6.24 1.89
CA TRP B 271 5.79 5.79 3.30
C TRP B 271 4.36 5.35 3.54
N PRO B 272 3.98 4.10 3.18
CA PRO B 272 2.60 3.64 3.30
C PRO B 272 2.19 3.01 4.64
N ALA B 273 2.98 3.15 5.71
CA ALA B 273 2.71 2.50 7.01
C ALA B 273 1.25 2.72 7.42
N ILE B 274 0.82 3.98 7.51
CA ILE B 274 -0.56 4.30 7.99
C ILE B 274 -1.54 3.98 6.86
N ASP B 275 -1.18 4.38 5.64
CA ASP B 275 -2.04 4.25 4.45
C ASP B 275 -2.50 2.79 4.33
N ASP B 276 -1.56 1.83 4.37
CA ASP B 276 -1.87 0.40 4.20
C ASP B 276 -2.69 -0.08 5.40
N GLY B 277 -2.41 0.44 6.61
CA GLY B 277 -3.20 0.11 7.81
C GLY B 277 -4.67 0.45 7.60
N LEU B 278 -4.96 1.63 7.06
CA LEU B 278 -6.35 2.08 6.84
C LEU B 278 -7.00 1.24 5.72
N ARG B 279 -6.28 0.98 4.63
CA ARG B 279 -6.77 0.12 3.50
C ARG B 279 -7.09 -1.28 4.04
N ARG B 280 -6.19 -1.84 4.87
CA ARG B 280 -6.36 -3.19 5.46
C ARG B 280 -7.63 -3.18 6.34
N ALA B 281 -7.83 -2.14 7.15
CA ALA B 281 -8.95 -2.08 8.11
C ALA B 281 -10.26 -2.13 7.34
N THR B 282 -10.39 -1.31 6.30
CA THR B 282 -11.66 -1.19 5.55
C THR B 282 -11.87 -2.48 4.75
N TYR B 283 -10.83 -3.02 4.13
CA TYR B 283 -10.98 -4.20 3.23
C TYR B 283 -11.19 -5.50 4.03
N GLU B 284 -10.34 -5.75 5.03
CA GLU B 284 -10.34 -7.06 5.75
C GLU B 284 -11.47 -7.10 6.78
N ARG B 285 -11.79 -5.96 7.41
CA ARG B 285 -12.69 -5.95 8.59
C ARG B 285 -13.92 -5.08 8.35
N GLY B 286 -14.08 -4.48 7.17
CA GLY B 286 -15.24 -3.64 6.83
C GLY B 286 -15.33 -2.42 7.74
N VAL B 287 -14.19 -1.95 8.23
CA VAL B 287 -14.14 -0.78 9.14
C VAL B 287 -14.45 0.48 8.33
N LYS B 288 -15.40 1.27 8.82
CA LYS B 288 -15.76 2.58 8.23
CA LYS B 288 -15.76 2.57 8.22
C LYS B 288 -14.72 3.60 8.66
N VAL B 289 -13.96 4.12 7.70
CA VAL B 289 -12.87 5.10 7.95
C VAL B 289 -13.37 6.48 7.52
N ARG B 290 -13.29 7.46 8.43
CA ARG B 290 -13.55 8.88 8.10
C ARG B 290 -12.26 9.66 8.41
N LEU B 291 -11.68 10.24 7.37
CA LEU B 291 -10.45 11.07 7.45
C LEU B 291 -10.84 12.53 7.24
N LEU B 292 -10.65 13.33 8.29
CA LEU B 292 -10.96 14.78 8.25
C LEU B 292 -9.63 15.51 8.25
N ILE B 293 -9.22 15.95 7.06
CA ILE B 293 -7.87 16.56 6.86
C ILE B 293 -8.09 18.07 6.79
N SER B 294 -7.22 18.84 7.43
CA SER B 294 -7.32 20.32 7.39
C SER B 294 -6.82 20.82 6.03
N CYS B 295 -7.29 21.99 5.61
CA CYS B 295 -6.83 22.62 4.36
C CYS B 295 -6.76 24.13 4.55
N TRP B 296 -5.68 24.73 4.06
CA TRP B 296 -5.45 26.19 4.04
C TRP B 296 -4.47 26.48 2.90
N GLY B 297 -4.03 27.73 2.78
CA GLY B 297 -3.15 28.20 1.71
C GLY B 297 -1.78 27.56 1.76
N HIS B 298 -1.38 27.01 2.92
CA HIS B 298 -0.04 26.41 3.15
C HIS B 298 -0.09 24.88 3.03
N SER B 299 -1.24 24.29 2.73
CA SER B 299 -1.38 22.81 2.55
C SER B 299 -0.48 22.36 1.39
N GLU B 300 0.33 21.32 1.62
CA GLU B 300 1.18 20.67 0.58
C GLU B 300 0.25 20.09 -0.48
N PRO B 301 0.27 20.61 -1.74
CA PRO B 301 -0.67 20.17 -2.78
C PRO B 301 -0.63 18.68 -3.12
N SER B 302 0.51 18.02 -2.90
CA SER B 302 0.72 16.57 -3.18
C SER B 302 -0.24 15.72 -2.33
N MET B 303 -0.79 16.25 -1.25
CA MET B 303 -1.76 15.52 -0.38
C MET B 303 -3.00 15.13 -1.19
N ARG B 304 -3.44 15.97 -2.14
CA ARG B 304 -4.75 15.77 -2.82
C ARG B 304 -4.81 14.37 -3.47
N ALA B 305 -3.82 14.01 -4.28
CA ALA B 305 -3.80 12.73 -5.03
C ALA B 305 -3.90 11.55 -4.06
N PHE B 306 -3.17 11.59 -2.94
CA PHE B 306 -3.16 10.47 -1.97
C PHE B 306 -4.53 10.38 -1.29
N LEU B 307 -5.18 11.52 -1.04
CA LEU B 307 -6.53 11.53 -0.40
C LEU B 307 -7.56 11.02 -1.40
N LEU B 308 -7.50 11.45 -2.67
CA LEU B 308 -8.38 10.94 -3.75
C LEU B 308 -8.19 9.42 -3.85
N SER B 309 -6.95 8.96 -3.75
CA SER B 309 -6.62 7.52 -3.84
C SER B 309 -7.35 6.73 -2.73
N LEU B 310 -7.38 7.23 -1.49
CA LEU B 310 -8.09 6.54 -0.38
C LEU B 310 -9.60 6.62 -0.62
N ALA B 311 -10.12 7.79 -1.01
CA ALA B 311 -11.56 8.04 -1.22
C ALA B 311 -12.13 7.09 -2.29
N ALA B 312 -11.28 6.60 -3.19
CA ALA B 312 -11.66 5.67 -4.29
C ALA B 312 -12.07 4.30 -3.73
N LEU B 313 -11.65 3.97 -2.49
CA LEU B 313 -12.01 2.69 -1.81
C LEU B 313 -13.33 2.85 -1.05
N ARG B 314 -14.41 3.03 -1.77
CA ARG B 314 -15.78 2.91 -1.22
C ARG B 314 -16.57 2.05 -2.20
N ASP B 315 -17.03 0.87 -1.78
CA ASP B 315 -17.93 0.02 -2.61
C ASP B 315 -18.74 -0.95 -1.73
N ASN B 316 -20.02 -1.13 -2.07
CA ASN B 316 -21.09 -1.69 -1.20
C ASN B 316 -20.86 -3.18 -0.92
N HIS B 317 -20.34 -3.93 -1.90
CA HIS B 317 -20.28 -5.42 -1.89
C HIS B 317 -19.12 -5.90 -1.01
N THR B 318 -17.94 -5.27 -1.15
CA THR B 318 -16.71 -5.58 -0.37
C THR B 318 -16.87 -5.05 1.07
N HIS B 319 -17.74 -4.05 1.27
CA HIS B 319 -17.94 -3.30 2.54
C HIS B 319 -16.74 -2.38 2.79
N SER B 320 -15.94 -2.09 1.76
CA SER B 320 -14.88 -1.05 1.81
C SER B 320 -15.56 0.33 1.88
N ASP B 321 -15.15 1.17 2.82
CA ASP B 321 -15.88 2.44 3.10
C ASP B 321 -14.91 3.43 3.75
N ILE B 322 -14.08 4.07 2.93
CA ILE B 322 -13.22 5.21 3.36
C ILE B 322 -13.83 6.49 2.78
N GLN B 323 -14.07 7.46 3.64
CA GLN B 323 -14.52 8.82 3.23
C GLN B 323 -13.47 9.83 3.70
N VAL B 324 -13.26 10.87 2.89
CA VAL B 324 -12.33 11.99 3.18
C VAL B 324 -13.12 13.28 3.06
N LYS B 325 -12.97 14.15 4.05
CA LYS B 325 -13.43 15.56 3.94
C LYS B 325 -12.28 16.48 4.33
N LEU B 326 -12.32 17.71 3.81
CA LEU B 326 -11.37 18.79 4.17
C LEU B 326 -12.08 19.75 5.13
N PHE B 327 -11.46 20.00 6.26
CA PHE B 327 -11.95 20.99 7.26
C PHE B 327 -11.27 22.31 6.96
N VAL B 328 -12.04 23.35 6.70
CA VAL B 328 -11.48 24.68 6.33
C VAL B 328 -12.05 25.72 7.29
N VAL B 329 -11.16 26.45 7.97
CA VAL B 329 -11.50 27.58 8.86
C VAL B 329 -11.64 28.79 7.96
N PRO B 330 -12.82 29.44 7.89
CA PRO B 330 -12.95 30.64 7.08
C PRO B 330 -12.01 31.74 7.56
N ALA B 331 -11.60 32.60 6.64
CA ALA B 331 -10.74 33.78 6.89
C ALA B 331 -11.22 34.94 6.01
N ASP B 332 -11.70 36.03 6.62
CA ASP B 332 -11.94 37.31 5.91
C ASP B 332 -10.59 38.00 5.71
N GLU B 333 -10.57 39.14 5.03
CA GLU B 333 -9.30 39.83 4.67
C GLU B 333 -8.51 40.21 5.92
N ALA B 334 -9.18 40.59 7.01
CA ALA B 334 -8.54 40.97 8.30
C ALA B 334 -7.88 39.73 8.90
N GLN B 335 -8.64 38.65 9.01
CA GLN B 335 -8.15 37.35 9.57
C GLN B 335 -6.99 36.80 8.71
N ALA B 336 -7.04 37.00 7.39
CA ALA B 336 -6.06 36.48 6.41
C ALA B 336 -4.69 37.15 6.61
N ARG B 337 -4.65 38.35 7.18
CA ARG B 337 -3.39 39.13 7.40
C ARG B 337 -2.65 38.61 8.64
N ILE B 338 -3.30 37.82 9.49
CA ILE B 338 -2.65 37.16 10.67
C ILE B 338 -1.76 36.06 10.11
N PRO B 339 -0.43 36.10 10.33
CA PRO B 339 0.46 35.07 9.78
C PRO B 339 0.10 33.68 10.34
N TYR B 340 0.07 32.67 9.48
CA TYR B 340 -0.03 31.23 9.86
C TYR B 340 -1.16 31.04 10.87
N ALA B 341 -2.39 31.40 10.50
CA ALA B 341 -3.59 31.21 11.33
C ALA B 341 -4.76 30.73 10.47
N ARG B 342 -5.92 30.51 11.10
CA ARG B 342 -7.20 30.16 10.43
C ARG B 342 -7.03 28.77 9.80
N VAL B 343 -6.67 27.80 10.63
CA VAL B 343 -6.53 26.37 10.23
C VAL B 343 -6.79 25.49 11.46
N ASN B 344 -7.13 24.24 11.21
CA ASN B 344 -7.44 23.26 12.28
C ASN B 344 -6.19 22.41 12.52
N HIS B 345 -5.60 22.53 13.71
CA HIS B 345 -4.34 21.84 14.09
C HIS B 345 -4.60 20.48 14.75
N ASN B 346 -5.86 20.07 14.92
CA ASN B 346 -6.19 18.82 15.67
C ASN B 346 -5.37 17.65 15.10
N LYS B 347 -4.86 16.79 16.00
CA LYS B 347 -4.28 15.47 15.60
C LYS B 347 -4.79 14.40 16.56
N TYR B 348 -5.85 13.68 16.18
CA TYR B 348 -6.39 12.60 17.03
C TYR B 348 -7.09 11.56 16.17
N MET B 349 -7.32 10.41 16.81
CA MET B 349 -8.04 9.27 16.22
C MET B 349 -8.94 8.67 17.31
N VAL B 350 -10.16 8.32 16.93
CA VAL B 350 -11.08 7.61 17.84
C VAL B 350 -11.70 6.45 17.06
N THR B 351 -11.79 5.29 17.69
CA THR B 351 -12.49 4.10 17.15
C THR B 351 -13.66 3.78 18.10
N GLU B 352 -14.33 2.65 17.87
CA GLU B 352 -15.45 2.21 18.73
C GLU B 352 -14.87 1.81 20.10
N ARG B 353 -13.56 1.58 20.21
CA ARG B 353 -12.98 1.00 21.45
C ARG B 353 -11.75 1.76 21.97
N ALA B 354 -11.20 2.74 21.27
CA ALA B 354 -9.92 3.39 21.66
C ALA B 354 -9.90 4.89 21.37
N THR B 355 -9.11 5.59 22.18
CA THR B 355 -8.75 7.03 22.04
C THR B 355 -7.25 7.12 21.73
N TYR B 356 -6.90 7.92 20.73
CA TYR B 356 -5.52 8.31 20.39
C TYR B 356 -5.49 9.84 20.29
N ILE B 357 -4.71 10.49 21.16
CA ILE B 357 -4.51 11.97 21.09
C ILE B 357 -3.01 12.22 20.94
N GLY B 358 -2.63 12.92 19.87
CA GLY B 358 -1.23 13.09 19.46
C GLY B 358 -0.82 14.53 19.29
N THR B 359 0.49 14.71 19.07
CA THR B 359 1.15 16.00 18.80
C THR B 359 1.63 16.06 17.34
N SER B 360 1.64 14.93 16.64
CA SER B 360 2.26 14.78 15.30
C SER B 360 1.21 14.73 14.18
N ASN B 361 1.54 15.34 13.04
CA ASN B 361 0.80 15.14 11.77
C ASN B 361 1.16 13.76 11.22
N TRP B 362 0.36 13.25 10.30
CA TRP B 362 0.42 11.83 9.88
C TRP B 362 1.22 11.74 8.57
N SER B 363 2.53 11.97 8.69
CA SER B 363 3.54 11.78 7.62
C SER B 363 4.80 11.20 8.25
N GLY B 364 5.66 10.61 7.42
CA GLY B 364 6.70 9.69 7.86
C GLY B 364 7.71 10.35 8.78
N ASN B 365 8.04 11.63 8.56
CA ASN B 365 9.11 12.33 9.33
C ASN B 365 8.75 12.35 10.83
N TYR B 366 7.45 12.37 11.15
CA TYR B 366 6.95 12.47 12.54
C TYR B 366 7.19 11.16 13.31
N PHE B 367 7.47 10.07 12.60
CA PHE B 367 7.61 8.71 13.20
C PHE B 367 9.03 8.18 13.04
N THR B 368 9.92 8.94 12.41
CA THR B 368 11.31 8.53 12.10
C THR B 368 12.32 9.51 12.67
N GLU B 369 12.06 10.82 12.61
CA GLU B 369 13.08 11.86 12.92
C GLU B 369 12.59 12.87 13.96
N THR B 370 11.29 13.21 13.97
CA THR B 370 10.76 14.34 14.74
C THR B 370 10.17 13.83 16.06
N ALA B 371 10.27 14.65 17.10
CA ALA B 371 9.73 14.36 18.45
C ALA B 371 8.20 14.51 18.45
N GLY B 372 7.54 13.56 19.09
CA GLY B 372 6.09 13.56 19.31
C GLY B 372 5.74 12.68 20.48
N THR B 373 4.54 12.86 21.00
CA THR B 373 3.98 12.06 22.11
C THR B 373 2.50 11.86 21.82
N SER B 374 1.98 10.69 22.16
CA SER B 374 0.54 10.39 22.05
C SER B 374 0.06 9.72 23.33
N LEU B 375 -1.19 10.01 23.69
CA LEU B 375 -1.89 9.34 24.81
C LEU B 375 -2.87 8.33 24.19
N LEU B 376 -2.76 7.08 24.64
CA LEU B 376 -3.60 5.94 24.21
C LEU B 376 -4.45 5.53 25.41
N VAL B 377 -5.76 5.61 25.28
CA VAL B 377 -6.70 5.16 26.35
C VAL B 377 -7.71 4.16 25.77
N THR B 378 -7.95 3.09 26.53
CA THR B 378 -9.11 2.20 26.34
C THR B 378 -9.86 2.12 27.67
N GLN B 379 -11.18 1.96 27.60
CA GLN B 379 -12.05 2.02 28.80
C GLN B 379 -13.36 1.31 28.47
N ASN B 380 -13.63 0.20 29.15
CA ASN B 380 -14.90 -0.55 29.02
C ASN B 380 -16.05 0.35 29.47
N GLY B 381 -17.15 0.34 28.74
CA GLY B 381 -18.41 1.01 29.11
C GLY B 381 -18.83 2.03 28.07
N ARG B 382 -20.14 2.29 28.02
CA ARG B 382 -20.76 3.38 27.22
C ARG B 382 -20.18 4.71 27.70
N GLY B 383 -19.98 5.66 26.78
CA GLY B 383 -19.61 7.04 27.10
C GLY B 383 -18.11 7.23 27.32
N GLY B 384 -17.80 8.12 28.26
CA GLY B 384 -16.42 8.44 28.68
C GLY B 384 -15.71 9.34 27.70
N LEU B 385 -14.40 9.45 27.89
CA LEU B 385 -13.47 10.25 27.04
C LEU B 385 -13.65 9.89 25.56
N ARG B 386 -13.71 8.59 25.24
CA ARG B 386 -13.81 8.09 23.84
C ARG B 386 -15.09 8.67 23.21
N SER B 387 -16.22 8.55 23.91
CA SER B 387 -17.53 9.05 23.43
C SER B 387 -17.48 10.57 23.22
N GLN B 388 -16.79 11.29 24.11
CA GLN B 388 -16.64 12.77 24.03
C GLN B 388 -15.83 13.14 22.79
N LEU B 389 -14.75 12.40 22.51
CA LEU B 389 -13.87 12.72 21.36
C LEU B 389 -14.61 12.39 20.05
N GLU B 390 -15.36 11.29 20.04
CA GLU B 390 -16.21 10.89 18.89
C GLU B 390 -17.24 12.02 18.61
N ALA B 391 -17.86 12.58 19.65
CA ALA B 391 -18.87 13.66 19.53
C ALA B 391 -18.22 14.91 18.91
N ILE B 392 -16.97 15.23 19.28
CA ILE B 392 -16.23 16.37 18.68
C ILE B 392 -16.01 16.08 17.19
N PHE B 393 -15.54 14.89 16.88
CA PHE B 393 -15.23 14.47 15.49
C PHE B 393 -16.50 14.66 14.63
N LEU B 394 -17.63 14.11 15.07
CA LEU B 394 -18.90 14.11 14.29
C LEU B 394 -19.43 15.55 14.20
N ARG B 395 -19.24 16.35 15.24
CA ARG B 395 -19.60 17.79 15.20
C ARG B 395 -18.84 18.44 14.05
N ASP B 396 -17.52 18.23 13.98
CA ASP B 396 -16.66 18.84 12.92
C ASP B 396 -17.02 18.24 11.55
N TRP B 397 -17.20 16.92 11.48
CA TRP B 397 -17.47 16.18 10.22
C TRP B 397 -18.77 16.67 9.60
N ASP B 398 -19.78 16.90 10.44
CA ASP B 398 -21.17 17.22 10.00
C ASP B 398 -21.32 18.73 9.76
N SER B 399 -20.32 19.53 10.14
CA SER B 399 -20.35 21.02 10.15
C SER B 399 -20.24 21.57 8.73
N PRO B 400 -20.68 22.83 8.48
CA PRO B 400 -20.47 23.45 7.17
C PRO B 400 -19.00 23.75 6.82
N TYR B 401 -18.07 23.51 7.76
CA TYR B 401 -16.61 23.77 7.56
C TYR B 401 -15.93 22.56 6.92
N SER B 402 -16.63 21.42 6.83
CA SER B 402 -16.12 20.16 6.25
C SER B 402 -16.67 19.99 4.83
N HIS B 403 -15.79 19.63 3.89
CA HIS B 403 -16.06 19.66 2.43
C HIS B 403 -15.55 18.40 1.75
N ASP B 404 -16.34 17.83 0.84
CA ASP B 404 -15.91 16.71 -0.03
C ASP B 404 -14.80 17.22 -0.95
N LEU B 405 -13.96 16.31 -1.46
CA LEU B 405 -12.78 16.65 -2.29
C LEU B 405 -13.22 17.24 -3.64
N ASP B 406 -14.49 17.11 -4.02
CA ASP B 406 -15.02 17.67 -5.30
C ASP B 406 -15.58 19.08 -5.10
N THR B 407 -15.44 19.66 -3.91
CA THR B 407 -15.95 21.02 -3.58
C THR B 407 -15.15 22.06 -4.37
N SER B 408 -15.80 23.11 -4.86
CA SER B 408 -15.10 24.24 -5.50
C SER B 408 -14.22 24.93 -4.47
N ALA B 409 -12.96 25.22 -4.83
CA ALA B 409 -12.01 26.02 -4.02
C ALA B 409 -12.59 27.41 -3.74
N ASP B 410 -13.56 27.86 -4.54
CA ASP B 410 -14.20 29.19 -4.42
C ASP B 410 -15.19 29.23 -3.23
N SER B 411 -15.57 28.08 -2.66
CA SER B 411 -16.82 27.91 -1.85
C SER B 411 -16.54 27.46 -0.42
N VAL B 412 -15.31 27.64 0.10
CA VAL B 412 -14.95 27.07 1.42
C VAL B 412 -14.54 28.16 2.43
N GLY B 413 -14.54 29.43 2.06
CA GLY B 413 -14.39 30.54 3.02
C GLY B 413 -12.94 30.91 3.32
N ASN B 414 -11.98 30.21 2.72
CA ASN B 414 -10.52 30.45 2.90
C ASN B 414 -9.81 29.86 1.68
N ALA B 415 -8.54 30.23 1.46
CA ALA B 415 -7.64 29.59 0.49
C ALA B 415 -7.53 28.11 0.88
N CYS B 416 -7.55 27.20 -0.10
CA CYS B 416 -7.42 25.75 0.15
C CYS B 416 -6.75 25.08 -1.05
N ARG B 417 -5.53 24.56 -0.86
CA ARG B 417 -4.67 24.08 -1.97
C ARG B 417 -5.02 22.64 -2.35
N LEU B 418 -5.93 21.98 -1.63
CA LEU B 418 -6.28 20.54 -1.86
C LEU B 418 -7.61 20.40 -2.61
N LEU B 419 -8.22 21.49 -3.06
CA LEU B 419 -9.46 21.45 -3.89
C LEU B 419 -9.17 21.94 -5.30
N ALA B 420 -9.69 21.23 -6.31
CA ALA B 420 -9.45 21.47 -7.75
C ALA B 420 -9.94 22.88 -8.14
N ALA B 421 -11.17 23.24 -7.73
CA ALA B 421 -11.91 24.45 -8.19
C ALA B 421 -12.44 24.21 -9.61
#